data_3NWZ
#
_entry.id   3NWZ
#
_cell.length_a   52.243
_cell.length_b   89.733
_cell.length_c   71.850
_cell.angle_alpha   90.00
_cell.angle_beta   107.37
_cell.angle_gamma   90.00
#
_symmetry.space_group_name_H-M   'P 1 21 1'
#
loop_
_entity.id
_entity.type
_entity.pdbx_description
1 polymer 'BH2602 protein'
2 non-polymer 'SULFATE ION'
3 non-polymer 'COENZYME A'
4 water water
#
_entity_poly.entity_id   1
_entity_poly.type   'polypeptide(L)'
_entity_poly.pdbx_seq_one_letter_code
;(MSE)DKRLQQDRIVDK(MSE)ERFLSTANEEEKDVLSSIVDGLLAKQERRYATYLASLTQIESQEREDGRFEVRLPIGP
LVNNPLN(MSE)VHGGITATLLDTA(MSE)GQ(MSE)VNRQLPDGQSAVTSELNIHYVKPG(MSE)GTYLRAVASIVHQG
KQRIVVEGKVYTDQGETVA(MSE)GTGSFFVLRSRGLEHHHHHH
;
_entity_poly.pdbx_strand_id   A,B,C,D
#
loop_
_chem_comp.id
_chem_comp.type
_chem_comp.name
_chem_comp.formula
COA non-polymer 'COENZYME A' 'C21 H36 N7 O16 P3 S'
SO4 non-polymer 'SULFATE ION' 'O4 S -2'
#
# COMPACT_ATOMS: atom_id res chain seq x y z
N ILE A 10 40.98 16.79 -2.91
CA ILE A 10 41.29 17.77 -1.84
C ILE A 10 40.43 17.50 -0.60
N VAL A 11 40.09 16.23 -0.39
CA VAL A 11 39.27 15.83 0.75
C VAL A 11 39.98 16.18 2.05
N ASP A 12 41.31 16.22 2.01
CA ASP A 12 42.11 16.55 3.18
C ASP A 12 41.88 18.00 3.63
N LYS A 13 42.19 18.95 2.76
CA LYS A 13 42.02 20.36 3.06
C LYS A 13 40.55 20.66 3.36
N MSE A 14 39.70 19.65 3.25
CA MSE A 14 38.28 19.82 3.52
C MSE A 14 37.94 19.13 4.83
O MSE A 14 36.79 18.77 5.09
CB MSE A 14 37.43 19.27 2.38
CG MSE A 14 37.53 20.08 1.09
SE MSE A 14 37.33 22.00 1.37
CE MSE A 14 39.14 22.60 1.00
N GLU A 15 38.96 18.94 5.67
CA GLU A 15 38.73 18.33 6.96
C GLU A 15 38.67 19.42 7.99
N ARG A 16 38.26 20.61 7.52
CA ARG A 16 38.08 21.76 8.38
C ARG A 16 36.68 21.49 8.96
N PHE A 17 36.29 20.22 8.84
CA PHE A 17 35.01 19.72 9.33
C PHE A 17 35.27 19.19 10.75
N LEU A 18 36.48 18.73 11.01
CA LEU A 18 36.82 18.19 12.32
C LEU A 18 37.38 19.26 13.24
N SER A 19 37.19 20.52 12.83
CA SER A 19 37.68 21.67 13.61
C SER A 19 36.53 22.63 13.92
N THR A 20 35.35 22.06 14.10
CA THR A 20 34.11 22.77 14.41
C THR A 20 33.06 21.67 14.45
N ALA A 21 33.55 20.44 14.64
CA ALA A 21 32.71 19.25 14.68
C ALA A 21 32.51 18.74 16.10
N ASN A 22 31.25 18.65 16.52
CA ASN A 22 30.95 18.16 17.85
C ASN A 22 31.10 16.64 17.84
N GLU A 23 31.11 16.04 19.03
CA GLU A 23 31.25 14.59 19.20
C GLU A 23 30.44 13.77 18.19
N GLU A 24 29.18 14.13 18.03
CA GLU A 24 28.30 13.43 17.10
C GLU A 24 28.90 13.51 15.69
N GLU A 25 28.93 14.71 15.12
CA GLU A 25 29.46 14.90 13.78
C GLU A 25 30.78 14.15 13.58
N LYS A 26 31.69 14.24 14.55
CA LYS A 26 32.95 13.54 14.42
C LYS A 26 32.70 12.05 14.55
N ASP A 27 31.70 11.70 15.34
CA ASP A 27 31.35 10.30 15.54
C ASP A 27 30.78 9.72 14.24
N VAL A 28 29.97 10.52 13.55
CA VAL A 28 29.38 10.08 12.32
C VAL A 28 30.44 9.70 11.30
N LEU A 29 31.19 10.70 10.84
CA LEU A 29 32.25 10.50 9.84
C LEU A 29 33.11 9.28 10.11
N SER A 30 33.41 9.06 11.38
CA SER A 30 34.21 7.91 11.78
C SER A 30 33.56 6.63 11.23
N SER A 31 32.26 6.50 11.45
CA SER A 31 31.54 5.32 10.97
C SER A 31 31.59 5.34 9.47
N ILE A 32 31.19 6.48 8.90
CA ILE A 32 31.20 6.63 7.45
C ILE A 32 32.53 6.17 6.88
N VAL A 33 33.64 6.68 7.40
CA VAL A 33 34.92 6.25 6.85
C VAL A 33 35.04 4.71 6.95
N ASP A 34 34.68 4.13 8.09
CA ASP A 34 34.74 2.67 8.24
C ASP A 34 33.92 2.03 7.12
N GLY A 35 32.72 2.56 6.90
CA GLY A 35 31.84 2.03 5.88
C GLY A 35 32.58 1.94 4.57
N LEU A 36 32.86 3.11 3.99
CA LEU A 36 33.58 3.25 2.72
C LEU A 36 34.80 2.34 2.66
N LEU A 37 35.44 2.16 3.81
CA LEU A 37 36.62 1.34 3.95
C LEU A 37 36.25 -0.14 3.81
N ALA A 38 35.13 -0.52 4.42
CA ALA A 38 34.67 -1.90 4.35
C ALA A 38 34.07 -2.10 2.96
N LYS A 39 33.74 -0.99 2.32
CA LYS A 39 33.19 -1.04 0.97
C LYS A 39 34.27 -1.50 0.00
N GLN A 40 35.43 -0.84 -0.01
CA GLN A 40 36.47 -1.22 -0.95
C GLN A 40 37.02 -2.62 -0.70
N GLU A 41 36.99 -3.09 0.54
CA GLU A 41 37.48 -4.43 0.83
C GLU A 41 36.47 -5.44 0.28
N ARG A 42 35.36 -4.91 -0.22
CA ARG A 42 34.27 -5.70 -0.78
C ARG A 42 33.57 -6.63 0.19
N ARG A 43 33.46 -6.22 1.44
CA ARG A 43 32.78 -7.00 2.45
C ARG A 43 31.28 -6.69 2.29
N TYR A 44 30.99 -5.67 1.46
CA TYR A 44 29.64 -5.20 1.12
C TYR A 44 29.59 -4.82 -0.37
N ALA A 45 28.54 -5.25 -1.07
CA ALA A 45 28.41 -4.92 -2.49
C ALA A 45 28.13 -3.43 -2.70
N THR A 46 27.30 -2.84 -1.83
CA THR A 46 26.90 -1.44 -1.95
C THR A 46 27.28 -0.54 -0.77
N TYR A 47 27.25 0.77 -1.05
CA TYR A 47 27.58 1.78 -0.05
C TYR A 47 26.50 1.87 1.01
N LEU A 48 25.25 1.75 0.59
CA LEU A 48 24.13 1.84 1.51
C LEU A 48 24.22 0.79 2.61
N ALA A 49 24.40 -0.47 2.20
CA ALA A 49 24.52 -1.59 3.14
C ALA A 49 25.77 -1.36 3.98
N SER A 50 26.87 -1.03 3.32
CA SER A 50 28.14 -0.77 3.98
C SER A 50 28.09 0.37 5.01
N LEU A 51 27.44 1.47 4.67
CA LEU A 51 27.35 2.61 5.58
C LEU A 51 26.29 2.42 6.63
N THR A 52 25.41 1.44 6.44
CA THR A 52 24.39 1.23 7.44
C THR A 52 24.69 0.01 8.32
N GLN A 53 25.66 -0.78 7.90
CA GLN A 53 26.10 -1.97 8.63
C GLN A 53 25.05 -3.10 8.84
N ILE A 54 24.14 -3.31 7.90
CA ILE A 54 23.14 -4.36 8.09
C ILE A 54 23.70 -5.78 8.26
N GLU A 55 23.04 -6.59 9.08
CA GLU A 55 23.42 -8.00 9.29
C GLU A 55 22.21 -8.86 8.90
N SER A 56 22.34 -9.65 7.85
CA SER A 56 21.23 -10.45 7.39
C SER A 56 21.37 -11.96 7.46
N GLN A 57 20.24 -12.62 7.75
CA GLN A 57 20.24 -14.07 7.87
C GLN A 57 18.89 -14.72 7.95
N GLU A 58 18.82 -15.95 7.47
CA GLU A 58 17.61 -16.73 7.46
C GLU A 58 17.41 -17.30 8.86
N ARG A 59 16.15 -17.44 9.26
CA ARG A 59 15.85 -17.98 10.57
C ARG A 59 15.61 -19.49 10.48
N GLU A 60 15.51 -20.14 11.64
CA GLU A 60 15.25 -21.58 11.69
C GLU A 60 14.02 -21.80 10.83
N ASP A 61 12.99 -20.98 11.07
CA ASP A 61 11.77 -21.08 10.29
C ASP A 61 12.12 -20.63 8.87
N GLY A 62 11.13 -20.39 8.03
CA GLY A 62 11.44 -19.94 6.67
C GLY A 62 11.78 -18.46 6.55
N ARG A 63 11.18 -17.62 7.38
CA ARG A 63 11.38 -16.17 7.36
C ARG A 63 12.82 -15.62 7.20
N PHE A 64 12.92 -14.34 6.85
CA PHE A 64 14.22 -13.71 6.67
C PHE A 64 14.44 -12.48 7.59
N GLU A 65 15.66 -12.35 8.09
CA GLU A 65 15.94 -11.29 9.03
C GLU A 65 17.09 -10.34 8.65
N VAL A 66 16.82 -9.05 8.85
CA VAL A 66 17.79 -8.01 8.60
C VAL A 66 17.75 -7.03 9.75
N ARG A 67 18.86 -6.90 10.48
CA ARG A 67 18.91 -5.94 11.56
C ARG A 67 19.82 -4.77 11.16
N LEU A 68 19.52 -3.60 11.70
CA LEU A 68 20.27 -2.40 11.39
C LEU A 68 20.53 -1.60 12.64
N PRO A 69 21.80 -1.33 12.93
CA PRO A 69 22.19 -0.57 14.11
C PRO A 69 21.57 0.82 14.04
N ILE A 70 21.08 1.33 15.16
CA ILE A 70 20.51 2.68 15.18
C ILE A 70 21.58 3.66 15.68
N GLY A 71 21.85 4.67 14.85
CA GLY A 71 22.83 5.68 15.20
C GLY A 71 22.35 7.01 14.63
N PRO A 72 23.04 8.11 14.94
CA PRO A 72 22.66 9.43 14.44
C PRO A 72 22.55 9.46 12.93
N LEU A 73 23.32 8.61 12.27
CA LEU A 73 23.33 8.55 10.82
C LEU A 73 21.99 8.14 10.23
N VAL A 74 21.20 7.39 10.99
CA VAL A 74 19.91 6.89 10.53
C VAL A 74 18.68 7.63 11.06
N ASN A 75 18.89 8.47 12.07
CA ASN A 75 17.78 9.22 12.66
C ASN A 75 17.31 10.40 11.83
N ASN A 76 16.13 10.91 12.17
CA ASN A 76 15.56 12.06 11.50
C ASN A 76 15.70 13.22 12.47
N PRO A 77 15.26 14.44 12.07
CA PRO A 77 15.40 15.57 13.00
C PRO A 77 15.09 15.32 14.48
N LEU A 78 14.17 14.39 14.78
CA LEU A 78 13.83 14.11 16.18
C LEU A 78 14.43 12.85 16.81
N ASN A 79 15.62 12.45 16.37
CA ASN A 79 16.31 11.27 16.89
C ASN A 79 15.41 10.04 16.87
N MSE A 80 14.70 9.90 15.76
CA MSE A 80 13.78 8.79 15.51
C MSE A 80 14.31 8.22 14.20
O MSE A 80 14.78 8.98 13.35
CB MSE A 80 12.36 9.34 15.32
CG MSE A 80 11.22 8.36 15.53
SE MSE A 80 9.48 9.21 15.39
CE MSE A 80 9.30 9.91 17.18
N VAL A 81 14.28 6.90 14.04
CA VAL A 81 14.77 6.29 12.80
C VAL A 81 14.00 6.84 11.59
N HIS A 82 14.74 7.32 10.60
CA HIS A 82 14.09 7.88 9.43
C HIS A 82 13.11 6.90 8.79
N GLY A 83 11.89 7.35 8.54
CA GLY A 83 10.87 6.49 7.94
C GLY A 83 11.37 5.84 6.67
N GLY A 84 12.32 6.50 6.03
CA GLY A 84 12.90 5.99 4.80
C GLY A 84 13.82 4.82 5.06
N ILE A 85 14.65 4.90 6.08
CA ILE A 85 15.54 3.77 6.38
C ILE A 85 14.68 2.58 6.81
N THR A 86 13.55 2.87 7.46
CA THR A 86 12.65 1.80 7.88
C THR A 86 12.14 1.06 6.65
N ALA A 87 11.63 1.83 5.69
CA ALA A 87 11.10 1.27 4.43
C ALA A 87 12.17 0.50 3.72
N THR A 88 13.30 1.15 3.52
CA THR A 88 14.43 0.53 2.83
C THR A 88 14.88 -0.77 3.47
N LEU A 89 14.68 -0.89 4.78
CA LEU A 89 15.06 -2.10 5.53
C LEU A 89 14.09 -3.22 5.22
N LEU A 90 12.79 -2.93 5.38
CA LEU A 90 11.75 -3.92 5.10
C LEU A 90 11.97 -4.44 3.69
N ASP A 91 12.14 -3.51 2.75
CA ASP A 91 12.39 -3.84 1.34
C ASP A 91 13.60 -4.77 1.23
N THR A 92 14.67 -4.45 1.95
CA THR A 92 15.87 -5.24 1.91
C THR A 92 15.60 -6.66 2.41
N ALA A 93 14.88 -6.75 3.52
CA ALA A 93 14.53 -8.05 4.08
C ALA A 93 13.70 -8.84 3.06
N MSE A 94 12.60 -8.24 2.60
CA MSE A 94 11.71 -8.89 1.65
C MSE A 94 12.42 -9.30 0.36
O MSE A 94 12.04 -10.28 -0.30
CB MSE A 94 10.56 -7.98 1.32
CG MSE A 94 9.89 -7.44 2.54
SE MSE A 94 8.48 -6.25 2.07
CE MSE A 94 6.98 -7.27 2.70
N GLY A 95 13.45 -8.54 0.01
CA GLY A 95 14.19 -8.84 -1.19
C GLY A 95 15.02 -10.10 -1.00
N GLN A 96 15.94 -10.06 -0.05
CA GLN A 96 16.78 -11.20 0.20
C GLN A 96 15.93 -12.46 0.38
N MSE A 97 14.77 -12.30 1.03
CA MSE A 97 13.81 -13.40 1.21
C MSE A 97 13.47 -13.95 -0.18
O MSE A 97 13.79 -15.10 -0.51
CB MSE A 97 12.53 -12.87 1.88
CG MSE A 97 11.39 -13.91 2.08
SE MSE A 97 11.67 -15.23 3.50
CE MSE A 97 12.77 -16.51 2.52
N VAL A 98 12.85 -13.12 -1.01
CA VAL A 98 12.49 -13.53 -2.38
C VAL A 98 13.66 -14.20 -3.11
N ASN A 99 14.80 -13.54 -3.12
CA ASN A 99 15.95 -14.07 -3.84
C ASN A 99 16.53 -15.39 -3.33
N ARG A 100 16.30 -15.72 -2.08
CA ARG A 100 16.79 -16.97 -1.56
C ARG A 100 15.91 -18.15 -2.00
N GLN A 101 14.66 -17.84 -2.36
CA GLN A 101 13.70 -18.85 -2.80
C GLN A 101 13.61 -18.92 -4.32
N LEU A 102 14.62 -18.37 -5.00
CA LEU A 102 14.63 -18.37 -6.45
C LEU A 102 15.82 -19.08 -7.06
N PRO A 103 15.59 -19.78 -8.19
CA PRO A 103 16.62 -20.53 -8.91
C PRO A 103 17.86 -19.66 -9.14
N ASP A 104 18.99 -20.28 -9.43
CA ASP A 104 20.22 -19.54 -9.69
C ASP A 104 20.05 -18.65 -10.91
N GLY A 105 19.34 -19.18 -11.92
CA GLY A 105 19.11 -18.44 -13.14
C GLY A 105 17.85 -17.58 -13.10
N GLN A 106 17.57 -16.99 -11.94
CA GLN A 106 16.42 -16.13 -11.75
C GLN A 106 16.72 -15.06 -10.71
N SER A 107 15.98 -13.96 -10.77
CA SER A 107 16.15 -12.85 -9.84
C SER A 107 14.81 -12.14 -9.70
N ALA A 108 14.71 -11.20 -8.76
CA ALA A 108 13.44 -10.49 -8.55
C ALA A 108 13.66 -9.03 -8.19
N VAL A 109 12.74 -8.17 -8.63
CA VAL A 109 12.86 -6.76 -8.35
C VAL A 109 11.59 -6.18 -7.71
N THR A 110 11.77 -5.34 -6.70
CA THR A 110 10.67 -4.69 -6.01
C THR A 110 9.68 -4.00 -6.94
N SER A 111 8.48 -4.58 -7.03
CA SER A 111 7.41 -4.06 -7.88
C SER A 111 6.54 -3.10 -7.07
N GLU A 112 5.89 -3.63 -6.04
CA GLU A 112 5.04 -2.83 -5.18
C GLU A 112 5.62 -2.88 -3.78
N LEU A 113 5.28 -1.87 -2.96
CA LEU A 113 5.76 -1.79 -1.59
C LEU A 113 4.67 -1.05 -0.84
N ASN A 114 4.31 -1.56 0.33
CA ASN A 114 3.25 -0.96 1.15
C ASN A 114 3.73 -1.05 2.57
N ILE A 115 3.55 0.04 3.32
CA ILE A 115 4.03 0.10 4.68
C ILE A 115 3.08 0.92 5.57
N HIS A 116 2.92 0.46 6.80
CA HIS A 116 2.06 1.12 7.78
C HIS A 116 2.98 1.41 8.95
N TYR A 117 3.13 2.69 9.27
CA TYR A 117 3.99 3.07 10.37
C TYR A 117 3.20 2.96 11.65
N VAL A 118 3.81 2.37 12.66
CA VAL A 118 3.13 2.13 13.92
C VAL A 118 3.76 2.87 15.09
N LYS A 119 5.01 2.53 15.39
CA LYS A 119 5.73 3.16 16.49
C LYS A 119 7.07 3.70 16.00
N PRO A 120 7.55 4.77 16.63
CA PRO A 120 8.82 5.41 16.29
C PRO A 120 9.95 4.41 16.38
N GLY A 121 10.74 4.27 15.32
CA GLY A 121 11.85 3.36 15.39
C GLY A 121 12.87 3.94 16.37
N MSE A 122 13.12 3.24 17.48
CA MSE A 122 14.09 3.75 18.46
C MSE A 122 14.72 2.61 19.26
O MSE A 122 14.17 1.51 19.36
CB MSE A 122 13.43 4.73 19.41
CG MSE A 122 12.65 5.84 18.71
SE MSE A 122 12.00 7.23 19.88
CE MSE A 122 11.95 8.66 18.59
N GLY A 123 15.88 2.89 19.84
CA GLY A 123 16.58 1.88 20.59
C GLY A 123 17.97 1.76 19.99
N THR A 124 18.59 0.59 20.08
CA THR A 124 19.92 0.39 19.54
C THR A 124 19.98 -0.24 18.14
N TYR A 125 18.89 -0.84 17.69
CA TYR A 125 18.89 -1.43 16.35
C TYR A 125 17.48 -1.82 15.91
N LEU A 126 17.26 -1.95 14.61
CA LEU A 126 15.96 -2.35 14.09
C LEU A 126 16.05 -3.79 13.59
N ARG A 127 14.92 -4.48 13.58
CA ARG A 127 14.95 -5.87 13.14
C ARG A 127 13.79 -6.13 12.20
N ALA A 128 14.04 -6.13 10.90
CA ALA A 128 12.95 -6.39 9.97
C ALA A 128 12.84 -7.91 9.70
N VAL A 129 11.61 -8.42 9.71
CA VAL A 129 11.39 -9.86 9.44
C VAL A 129 10.38 -10.06 8.33
N ALA A 130 10.80 -10.77 7.29
CA ALA A 130 9.95 -11.02 6.12
C ALA A 130 9.61 -12.49 5.90
N SER A 131 8.43 -12.73 5.32
CA SER A 131 7.96 -14.08 4.99
C SER A 131 7.15 -14.11 3.67
N ILE A 132 7.38 -15.14 2.86
CA ILE A 132 6.66 -15.27 1.61
C ILE A 132 5.17 -15.53 1.88
N VAL A 133 4.32 -14.85 1.11
CA VAL A 133 2.88 -14.97 1.28
C VAL A 133 2.35 -15.73 0.10
N HIS A 134 3.11 -15.68 -0.98
CA HIS A 134 2.74 -16.34 -2.22
C HIS A 134 3.98 -16.41 -3.12
N GLN A 135 4.10 -17.51 -3.86
CA GLN A 135 5.21 -17.72 -4.77
C GLN A 135 4.77 -18.14 -6.16
N GLY A 136 4.43 -17.16 -7.02
CA GLY A 136 4.07 -17.47 -8.38
C GLY A 136 5.33 -17.49 -9.23
N LYS A 137 5.20 -17.74 -10.53
CA LYS A 137 6.37 -17.72 -11.38
C LYS A 137 6.38 -16.37 -12.07
N GLN A 138 5.32 -15.62 -11.80
CA GLN A 138 5.09 -14.29 -12.35
C GLN A 138 5.60 -13.20 -11.39
N ARG A 139 5.07 -13.22 -10.17
CA ARG A 139 5.41 -12.25 -9.16
C ARG A 139 5.41 -12.97 -7.83
N ILE A 140 6.17 -12.42 -6.87
CA ILE A 140 6.25 -13.02 -5.54
C ILE A 140 5.79 -12.02 -4.51
N VAL A 141 4.72 -12.38 -3.81
CA VAL A 141 4.13 -11.55 -2.78
C VAL A 141 4.75 -11.99 -1.46
N VAL A 142 5.29 -11.01 -0.72
CA VAL A 142 5.94 -11.25 0.54
C VAL A 142 5.39 -10.25 1.56
N GLU A 143 5.64 -10.50 2.84
CA GLU A 143 5.14 -9.65 3.90
C GLU A 143 6.21 -9.52 4.97
N GLY A 144 6.21 -8.41 5.71
CA GLY A 144 7.21 -8.25 6.75
C GLY A 144 6.87 -7.27 7.87
N LYS A 145 7.70 -7.28 8.91
CA LYS A 145 7.53 -6.40 10.06
C LYS A 145 8.88 -5.92 10.54
N VAL A 146 8.88 -4.73 11.12
CA VAL A 146 10.08 -4.13 11.66
C VAL A 146 9.88 -4.00 13.17
N TYR A 147 10.86 -4.43 13.95
CA TYR A 147 10.81 -4.40 15.41
C TYR A 147 11.95 -3.62 16.07
N THR A 148 11.67 -3.06 17.25
CA THR A 148 12.71 -2.33 17.98
C THR A 148 13.45 -3.41 18.73
N ASP A 149 14.47 -3.05 19.51
CA ASP A 149 15.19 -4.07 20.27
C ASP A 149 14.40 -4.55 21.49
N GLN A 150 13.13 -4.12 21.58
CA GLN A 150 12.27 -4.51 22.68
C GLN A 150 11.25 -5.52 22.17
N GLY A 151 11.00 -5.50 20.87
CA GLY A 151 10.03 -6.41 20.30
C GLY A 151 8.82 -5.59 19.88
N GLU A 152 8.88 -4.28 20.12
CA GLU A 152 7.80 -3.39 19.72
C GLU A 152 7.80 -3.28 18.21
N THR A 153 6.61 -3.25 17.62
CA THR A 153 6.50 -3.18 16.16
C THR A 153 6.59 -1.74 15.63
N VAL A 154 7.72 -1.42 15.02
CA VAL A 154 7.95 -0.10 14.44
C VAL A 154 7.08 0.07 13.20
N ALA A 155 7.01 -0.97 12.38
CA ALA A 155 6.19 -0.88 11.18
C ALA A 155 5.85 -2.24 10.61
N MSE A 156 4.79 -2.24 9.80
CA MSE A 156 4.31 -3.46 9.16
C MSE A 156 4.04 -3.08 7.69
O MSE A 156 3.69 -1.93 7.41
CB MSE A 156 3.04 -3.89 9.89
CG MSE A 156 2.60 -5.30 9.66
SE MSE A 156 1.28 -5.44 8.29
CE MSE A 156 2.15 -6.86 7.27
N GLY A 157 4.26 -4.02 6.77
CA GLY A 157 4.01 -3.76 5.35
C GLY A 157 4.08 -4.99 4.44
N THR A 158 3.65 -4.82 3.18
CA THR A 158 3.70 -5.90 2.20
C THR A 158 4.45 -5.43 0.96
N GLY A 159 4.92 -6.38 0.17
CA GLY A 159 5.66 -6.04 -1.04
C GLY A 159 5.56 -7.10 -2.12
N SER A 160 5.22 -6.68 -3.33
CA SER A 160 5.13 -7.60 -4.46
C SER A 160 6.40 -7.43 -5.30
N PHE A 161 7.00 -8.56 -5.72
CA PHE A 161 8.24 -8.54 -6.50
C PHE A 161 8.12 -9.20 -7.86
N PHE A 162 8.72 -8.57 -8.84
CA PHE A 162 8.69 -9.08 -10.19
C PHE A 162 9.89 -9.99 -10.43
N VAL A 163 9.60 -11.18 -10.96
CA VAL A 163 10.59 -12.20 -11.25
C VAL A 163 11.26 -12.00 -12.61
N LEU A 164 12.58 -12.19 -12.65
CA LEU A 164 13.35 -12.05 -13.88
C LEU A 164 13.93 -13.40 -14.34
N PHE B 17 -43.53 -12.75 -11.98
CA PHE B 17 -42.85 -12.89 -13.29
C PHE B 17 -41.44 -13.47 -13.16
N LEU B 18 -41.20 -14.60 -13.82
CA LEU B 18 -39.89 -15.26 -13.80
C LEU B 18 -39.70 -16.05 -15.09
N SER B 19 -40.70 -15.98 -15.96
CA SER B 19 -40.66 -16.70 -17.23
C SER B 19 -39.79 -15.98 -18.26
N THR B 20 -38.64 -16.58 -18.55
CA THR B 20 -37.63 -16.10 -19.51
C THR B 20 -36.26 -16.38 -18.91
N ALA B 21 -36.22 -16.39 -17.58
CA ALA B 21 -35.00 -16.62 -16.83
C ALA B 21 -34.49 -18.06 -16.97
N ASN B 22 -33.17 -18.21 -16.99
CA ASN B 22 -32.54 -19.52 -17.12
C ASN B 22 -32.08 -20.07 -15.77
N GLU B 23 -31.33 -21.18 -15.79
CA GLU B 23 -30.84 -21.77 -14.56
C GLU B 23 -30.03 -20.78 -13.72
N GLU B 24 -29.01 -20.19 -14.33
CA GLU B 24 -28.16 -19.24 -13.63
C GLU B 24 -28.94 -18.07 -13.03
N GLU B 25 -29.94 -17.57 -13.74
CA GLU B 25 -30.73 -16.46 -13.22
C GLU B 25 -31.74 -16.98 -12.18
N LYS B 26 -31.82 -18.30 -12.08
CA LYS B 26 -32.71 -18.98 -11.13
C LYS B 26 -32.24 -18.81 -9.69
N ASP B 27 -31.08 -19.35 -9.34
CA ASP B 27 -30.61 -19.21 -7.96
C ASP B 27 -29.96 -17.86 -7.69
N VAL B 28 -29.44 -17.22 -8.75
CA VAL B 28 -28.83 -15.91 -8.60
C VAL B 28 -29.89 -14.96 -8.03
N LEU B 29 -31.12 -15.43 -7.97
CA LEU B 29 -32.21 -14.64 -7.41
C LEU B 29 -32.79 -15.38 -6.19
N SER B 30 -32.80 -16.71 -6.25
CA SER B 30 -33.30 -17.51 -5.14
C SER B 30 -32.60 -17.05 -3.86
N SER B 31 -31.27 -17.05 -3.89
CA SER B 31 -30.49 -16.66 -2.73
C SER B 31 -30.75 -15.20 -2.37
N ILE B 32 -30.88 -14.34 -3.36
CA ILE B 32 -31.13 -12.92 -3.12
C ILE B 32 -32.30 -12.76 -2.14
N VAL B 33 -33.22 -13.73 -2.15
CA VAL B 33 -34.37 -13.68 -1.26
C VAL B 33 -34.12 -14.39 0.06
N ASP B 34 -33.33 -15.45 0.05
CA ASP B 34 -33.03 -16.18 1.29
C ASP B 34 -32.33 -15.17 2.21
N GLY B 35 -31.64 -14.23 1.58
CA GLY B 35 -30.92 -13.20 2.31
C GLY B 35 -31.84 -12.07 2.72
N LEU B 36 -32.59 -11.51 1.78
CA LEU B 36 -33.52 -10.44 2.10
C LEU B 36 -34.45 -10.95 3.20
N LEU B 37 -34.58 -12.27 3.26
CA LEU B 37 -35.42 -12.92 4.26
C LEU B 37 -34.62 -12.93 5.56
N ALA B 38 -33.34 -13.26 5.46
CA ALA B 38 -32.45 -13.31 6.61
C ALA B 38 -32.18 -11.93 7.20
N LYS B 39 -32.11 -10.91 6.36
CA LYS B 39 -31.85 -9.54 6.83
C LYS B 39 -33.03 -9.03 7.65
N GLN B 40 -34.23 -9.53 7.36
CA GLN B 40 -35.45 -9.14 8.08
C GLN B 40 -35.46 -9.78 9.47
N GLU B 41 -35.08 -11.06 9.50
CA GLU B 41 -35.04 -11.85 10.72
C GLU B 41 -34.06 -11.31 11.76
N ARG B 42 -33.50 -10.14 11.51
CA ARG B 42 -32.54 -9.54 12.45
C ARG B 42 -31.92 -8.26 11.91
N ARG B 43 -31.88 -7.23 12.74
CA ARG B 43 -31.30 -5.96 12.34
C ARG B 43 -29.78 -6.02 12.44
N TYR B 44 -29.15 -4.85 12.33
CA TYR B 44 -27.69 -4.73 12.39
C TYR B 44 -26.99 -5.28 11.14
N ALA B 45 -27.73 -6.04 10.34
CA ALA B 45 -27.19 -6.61 9.12
C ALA B 45 -27.34 -5.58 7.99
N THR B 46 -26.35 -5.50 7.12
CA THR B 46 -26.39 -4.55 6.01
C THR B 46 -26.78 -5.26 4.70
N TYR B 47 -27.22 -4.50 3.71
CA TYR B 47 -27.63 -5.07 2.43
C TYR B 47 -26.54 -5.83 1.69
N LEU B 48 -25.50 -5.11 1.26
CA LEU B 48 -24.39 -5.72 0.53
C LEU B 48 -23.90 -7.05 1.10
N ALA B 49 -24.01 -7.21 2.41
CA ALA B 49 -23.55 -8.42 3.06
C ALA B 49 -24.68 -9.43 3.16
N SER B 50 -25.91 -8.92 3.08
CA SER B 50 -27.09 -9.76 3.19
C SER B 50 -27.29 -10.68 1.98
N LEU B 51 -27.15 -10.11 0.77
CA LEU B 51 -27.31 -10.86 -0.46
C LEU B 51 -26.17 -11.85 -0.71
N THR B 52 -24.92 -11.38 -0.63
CA THR B 52 -23.76 -12.25 -0.84
C THR B 52 -23.72 -13.29 0.27
N GLN B 53 -24.40 -12.97 1.37
CA GLN B 53 -24.47 -13.89 2.48
C GLN B 53 -23.11 -14.13 3.13
N ILE B 54 -22.39 -13.04 3.39
CA ILE B 54 -21.08 -13.17 4.02
C ILE B 54 -21.33 -13.42 5.52
N GLU B 55 -21.42 -14.69 5.86
CA GLU B 55 -21.66 -15.10 7.23
C GLU B 55 -20.39 -14.98 8.07
N SER B 56 -20.48 -14.24 9.17
CA SER B 56 -19.35 -14.05 10.06
C SER B 56 -19.55 -15.09 11.16
N GLN B 57 -18.46 -15.72 11.59
CA GLN B 57 -18.56 -16.75 12.62
C GLN B 57 -17.38 -16.82 13.59
N GLU B 58 -17.57 -17.55 14.67
CA GLU B 58 -16.54 -17.73 15.68
C GLU B 58 -16.42 -19.20 16.05
N ARG B 59 -15.21 -19.74 15.96
CA ARG B 59 -14.98 -21.15 16.29
C ARG B 59 -14.99 -21.40 17.79
N GLU B 60 -14.90 -22.67 18.16
CA GLU B 60 -14.91 -23.07 19.57
C GLU B 60 -13.61 -22.63 20.25
N ASP B 61 -12.71 -22.02 19.47
CA ASP B 61 -11.43 -21.56 20.00
C ASP B 61 -11.46 -20.08 20.34
N GLY B 62 -12.49 -19.39 19.86
CA GLY B 62 -12.60 -17.97 20.12
C GLY B 62 -12.16 -17.21 18.88
N ARG B 63 -11.67 -17.95 17.90
CA ARG B 63 -11.20 -17.38 16.64
C ARG B 63 -12.37 -16.68 15.94
N PHE B 64 -12.08 -16.02 14.83
CA PHE B 64 -13.11 -15.32 14.06
C PHE B 64 -12.79 -15.39 12.56
N GLU B 65 -13.82 -15.62 11.74
CA GLU B 65 -13.61 -15.67 10.30
C GLU B 65 -14.89 -15.38 9.54
N VAL B 66 -14.75 -14.70 8.42
CA VAL B 66 -15.87 -14.34 7.56
C VAL B 66 -15.74 -15.06 6.22
N ARG B 67 -16.24 -16.28 6.17
CA ARG B 67 -16.20 -17.08 4.95
C ARG B 67 -17.52 -16.87 4.21
N LEU B 68 -17.55 -17.16 2.92
CA LEU B 68 -18.79 -17.00 2.14
C LEU B 68 -18.80 -17.95 0.94
N PRO B 69 -19.95 -18.58 0.68
CA PRO B 69 -20.00 -19.51 -0.46
C PRO B 69 -20.00 -18.74 -1.78
N ILE B 70 -19.29 -19.28 -2.78
CA ILE B 70 -19.21 -18.65 -4.09
C ILE B 70 -20.43 -19.04 -4.94
N GLY B 71 -20.99 -18.03 -5.58
CA GLY B 71 -22.14 -18.25 -6.43
C GLY B 71 -21.96 -17.37 -7.64
N PRO B 72 -22.57 -17.73 -8.77
CA PRO B 72 -22.44 -16.94 -10.00
C PRO B 72 -22.63 -15.46 -9.73
N LEU B 73 -23.37 -15.16 -8.66
CA LEU B 73 -23.63 -13.78 -8.27
C LEU B 73 -22.35 -12.96 -8.06
N VAL B 74 -21.34 -13.58 -7.46
CA VAL B 74 -20.08 -12.91 -7.14
C VAL B 74 -18.94 -12.98 -8.17
N ASN B 75 -19.13 -13.74 -9.24
CA ASN B 75 -18.08 -13.86 -10.25
C ASN B 75 -18.05 -12.70 -11.24
N ASN B 76 -17.04 -12.71 -12.10
CA ASN B 76 -16.89 -11.68 -13.13
C ASN B 76 -16.80 -12.37 -14.50
N PRO B 77 -16.68 -11.58 -15.58
CA PRO B 77 -16.58 -12.19 -16.92
C PRO B 77 -15.40 -13.14 -17.08
N LEU B 78 -14.57 -13.27 -16.05
CA LEU B 78 -13.41 -14.16 -16.07
C LEU B 78 -13.76 -15.41 -15.24
N ASN B 79 -15.03 -15.46 -14.81
CA ASN B 79 -15.59 -16.56 -14.03
C ASN B 79 -14.96 -16.81 -12.66
N MSE B 80 -14.30 -15.79 -12.12
CA MSE B 80 -13.67 -15.89 -10.80
C MSE B 80 -14.33 -14.85 -9.93
O MSE B 80 -14.78 -13.82 -10.43
CB MSE B 80 -12.17 -15.63 -10.90
CG MSE B 80 -11.77 -14.49 -11.83
SE MSE B 80 -9.90 -13.97 -11.75
CE MSE B 80 -9.07 -15.63 -12.23
N VAL B 81 -14.39 -15.09 -8.62
CA VAL B 81 -15.02 -14.13 -7.74
C VAL B 81 -14.47 -12.73 -8.00
N HIS B 82 -15.33 -11.74 -7.83
CA HIS B 82 -14.95 -10.36 -8.06
C HIS B 82 -13.92 -9.89 -7.07
N GLY B 83 -12.81 -9.33 -7.57
CA GLY B 83 -11.77 -8.83 -6.70
C GLY B 83 -12.40 -7.86 -5.71
N GLY B 84 -13.38 -7.11 -6.20
CA GLY B 84 -14.07 -6.15 -5.36
C GLY B 84 -14.86 -6.80 -4.24
N ILE B 85 -15.39 -7.99 -4.49
CA ILE B 85 -16.17 -8.67 -3.47
C ILE B 85 -15.20 -9.33 -2.49
N THR B 86 -14.06 -9.75 -3.00
CA THR B 86 -13.04 -10.33 -2.13
C THR B 86 -12.58 -9.15 -1.27
N ALA B 87 -12.48 -7.98 -1.89
CA ALA B 87 -12.07 -6.79 -1.16
C ALA B 87 -13.00 -6.59 0.03
N THR B 88 -14.30 -6.58 -0.26
CA THR B 88 -15.35 -6.39 0.75
C THR B 88 -15.28 -7.46 1.84
N LEU B 89 -14.98 -8.69 1.47
CA LEU B 89 -14.89 -9.76 2.44
C LEU B 89 -13.77 -9.42 3.42
N LEU B 90 -12.59 -9.13 2.89
CA LEU B 90 -11.48 -8.77 3.76
C LEU B 90 -11.79 -7.55 4.59
N ASP B 91 -12.42 -6.55 3.96
CA ASP B 91 -12.75 -5.32 4.67
C ASP B 91 -13.63 -5.62 5.87
N THR B 92 -14.55 -6.55 5.71
CA THR B 92 -15.46 -6.92 6.78
C THR B 92 -14.74 -7.62 7.92
N ALA B 93 -14.08 -8.72 7.64
CA ALA B 93 -13.36 -9.43 8.68
C ALA B 93 -12.55 -8.43 9.48
N MSE B 94 -11.91 -7.49 8.78
CA MSE B 94 -11.08 -6.48 9.43
C MSE B 94 -11.91 -5.46 10.15
O MSE B 94 -11.57 -5.03 11.25
CB MSE B 94 -10.20 -5.77 8.41
CG MSE B 94 -9.21 -6.66 7.66
SE MSE B 94 -8.36 -5.63 6.19
CE MSE B 94 -6.52 -6.15 6.42
N GLY B 95 -13.02 -5.04 9.54
CA GLY B 95 -13.88 -4.07 10.17
C GLY B 95 -14.52 -4.59 11.44
N GLN B 96 -15.19 -5.72 11.32
CA GLN B 96 -15.87 -6.33 12.45
C GLN B 96 -14.90 -6.68 13.56
N MSE B 97 -13.68 -7.05 13.19
CA MSE B 97 -12.71 -7.36 14.22
C MSE B 97 -12.32 -6.08 14.95
O MSE B 97 -12.32 -6.05 16.18
CB MSE B 97 -11.45 -8.00 13.64
CG MSE B 97 -10.35 -8.16 14.69
SE MSE B 97 -8.77 -8.98 13.96
CE MSE B 97 -9.20 -10.81 14.49
N VAL B 98 -11.99 -5.03 14.20
CA VAL B 98 -11.63 -3.75 14.83
C VAL B 98 -12.71 -3.30 15.82
N ASN B 99 -13.97 -3.26 15.37
CA ASN B 99 -15.07 -2.84 16.24
C ASN B 99 -15.12 -3.60 17.56
N ARG B 100 -14.74 -4.88 17.53
CA ARG B 100 -14.74 -5.68 18.74
C ARG B 100 -13.81 -5.09 19.80
N GLN B 101 -12.65 -4.59 19.39
CA GLN B 101 -11.68 -4.01 20.33
C GLN B 101 -12.07 -2.64 20.84
N LEU B 102 -13.19 -2.11 20.39
CA LEU B 102 -13.64 -0.79 20.81
C LEU B 102 -14.67 -0.81 21.94
N PRO B 103 -14.68 0.24 22.78
CA PRO B 103 -15.63 0.33 23.90
C PRO B 103 -17.07 0.19 23.35
N ASP B 104 -18.02 -0.13 24.22
CA ASP B 104 -19.38 -0.30 23.75
C ASP B 104 -20.00 1.01 23.24
N GLY B 105 -20.52 0.94 22.02
CA GLY B 105 -21.13 2.11 21.40
C GLY B 105 -20.30 2.66 20.25
N GLN B 106 -18.99 2.45 20.33
CA GLN B 106 -18.09 2.95 19.31
C GLN B 106 -18.01 2.12 18.02
N SER B 107 -17.65 2.80 16.94
CA SER B 107 -17.51 2.19 15.62
C SER B 107 -16.28 2.72 14.92
N ALA B 108 -15.78 1.92 13.97
CA ALA B 108 -14.61 2.31 13.18
C ALA B 108 -14.98 2.35 11.70
N VAL B 109 -14.24 3.15 10.95
CA VAL B 109 -14.45 3.25 9.51
C VAL B 109 -13.10 2.99 8.84
N THR B 110 -13.15 2.31 7.71
CA THR B 110 -11.96 1.98 6.97
C THR B 110 -11.32 3.22 6.35
N SER B 111 -10.06 3.44 6.69
CA SER B 111 -9.28 4.57 6.17
C SER B 111 -8.51 4.20 4.91
N GLU B 112 -7.73 3.12 4.98
CA GLU B 112 -6.95 2.63 3.83
C GLU B 112 -7.09 1.12 3.69
N LEU B 113 -7.17 0.63 2.46
CA LEU B 113 -7.27 -0.79 2.21
C LEU B 113 -6.30 -1.19 1.09
N ASN B 114 -5.38 -2.13 1.38
CA ASN B 114 -4.44 -2.61 0.38
C ASN B 114 -4.51 -4.12 0.27
N ILE B 115 -4.95 -4.57 -0.91
CA ILE B 115 -5.16 -5.97 -1.21
C ILE B 115 -4.15 -6.52 -2.20
N HIS B 116 -3.71 -7.77 -1.96
CA HIS B 116 -2.79 -8.48 -2.85
C HIS B 116 -3.55 -9.71 -3.30
N TYR B 117 -4.01 -9.68 -4.54
CA TYR B 117 -4.77 -10.78 -5.11
C TYR B 117 -3.82 -11.92 -5.49
N VAL B 118 -3.53 -12.78 -4.52
CA VAL B 118 -2.62 -13.92 -4.71
C VAL B 118 -3.10 -14.92 -5.76
N LYS B 119 -4.15 -15.67 -5.44
CA LYS B 119 -4.71 -16.67 -6.36
C LYS B 119 -6.19 -16.36 -6.59
N PRO B 120 -6.74 -16.79 -7.73
CA PRO B 120 -8.14 -16.58 -8.12
C PRO B 120 -9.16 -17.21 -7.16
N GLY B 121 -10.25 -16.49 -6.91
CA GLY B 121 -11.29 -16.98 -6.03
C GLY B 121 -12.28 -17.88 -6.75
N MSE B 122 -12.28 -19.16 -6.37
CA MSE B 122 -13.16 -20.14 -6.99
C MSE B 122 -13.36 -21.35 -6.06
O MSE B 122 -12.57 -21.58 -5.15
CB MSE B 122 -12.60 -20.61 -8.33
CG MSE B 122 -12.53 -19.51 -9.38
SE MSE B 122 -11.81 -20.10 -11.08
CE MSE B 122 -13.45 -20.45 -12.01
N GLY B 123 -14.41 -22.11 -6.33
CA GLY B 123 -14.72 -23.26 -5.52
C GLY B 123 -15.97 -22.97 -4.73
N THR B 124 -16.17 -23.69 -3.61
CA THR B 124 -17.34 -23.49 -2.79
C THR B 124 -17.36 -22.15 -2.04
N TYR B 125 -16.33 -21.90 -1.24
CA TYR B 125 -16.28 -20.65 -0.48
C TYR B 125 -14.91 -19.97 -0.33
N LEU B 126 -14.96 -18.72 0.12
CA LEU B 126 -13.76 -17.98 0.38
C LEU B 126 -13.81 -17.82 1.89
N ARG B 127 -12.66 -17.77 2.54
CA ARG B 127 -12.63 -17.61 3.97
C ARG B 127 -11.73 -16.43 4.29
N ALA B 128 -12.16 -15.54 5.17
CA ALA B 128 -11.35 -14.37 5.52
C ALA B 128 -11.01 -14.27 7.00
N VAL B 129 -9.72 -14.12 7.29
CA VAL B 129 -9.24 -14.04 8.68
C VAL B 129 -8.40 -12.78 8.89
N ALA B 130 -8.72 -12.07 9.97
CA ALA B 130 -8.06 -10.81 10.31
C ALA B 130 -7.26 -10.84 11.62
N SER B 131 -6.42 -9.82 11.83
CA SER B 131 -5.59 -9.75 13.02
C SER B 131 -5.04 -8.33 13.25
N ILE B 132 -5.19 -7.81 14.47
CA ILE B 132 -4.71 -6.47 14.78
C ILE B 132 -3.19 -6.39 14.86
N VAL B 133 -2.61 -5.45 14.13
CA VAL B 133 -1.17 -5.24 14.15
C VAL B 133 -0.84 -4.26 15.26
N HIS B 134 -1.64 -3.21 15.36
CA HIS B 134 -1.45 -2.17 16.35
C HIS B 134 -2.72 -1.38 16.55
N GLN B 135 -3.10 -1.14 17.80
CA GLN B 135 -4.29 -0.35 18.09
C GLN B 135 -3.94 0.96 18.79
N GLY B 136 -4.29 2.07 18.15
CA GLY B 136 -4.05 3.36 18.75
C GLY B 136 -5.40 4.01 19.07
N LYS B 137 -5.37 5.04 19.91
CA LYS B 137 -6.59 5.73 20.29
C LYS B 137 -7.41 6.26 19.11
N GLN B 138 -6.77 6.46 17.96
CA GLN B 138 -7.47 6.95 16.77
C GLN B 138 -7.40 6.02 15.57
N ARG B 139 -6.20 5.50 15.30
CA ARG B 139 -5.95 4.64 14.16
C ARG B 139 -5.64 3.19 14.58
N ILE B 140 -6.17 2.24 13.81
CA ILE B 140 -5.97 0.82 14.07
C ILE B 140 -5.44 0.15 12.81
N VAL B 141 -4.29 -0.49 12.91
CA VAL B 141 -3.73 -1.16 11.75
C VAL B 141 -3.97 -2.63 11.87
N VAL B 142 -4.48 -3.20 10.77
CA VAL B 142 -4.86 -4.60 10.72
C VAL B 142 -4.39 -5.34 9.50
N GLU B 143 -4.03 -6.61 9.66
CA GLU B 143 -3.64 -7.42 8.51
C GLU B 143 -4.71 -8.47 8.37
N GLY B 144 -4.71 -9.21 7.25
CA GLY B 144 -5.74 -10.21 7.04
C GLY B 144 -5.55 -11.01 5.76
N LYS B 145 -6.04 -12.24 5.75
CA LYS B 145 -5.93 -13.10 4.57
C LYS B 145 -7.26 -13.72 4.19
N VAL B 146 -7.37 -14.05 2.91
CA VAL B 146 -8.57 -14.68 2.37
C VAL B 146 -8.10 -15.98 1.76
N TYR B 147 -8.68 -17.09 2.18
CA TYR B 147 -8.29 -18.38 1.64
C TYR B 147 -9.42 -19.02 0.83
N THR B 148 -9.20 -20.27 0.42
CA THR B 148 -10.18 -21.00 -0.36
C THR B 148 -10.80 -22.07 0.51
N ASP B 149 -11.89 -22.66 0.03
CA ASP B 149 -12.58 -23.71 0.78
C ASP B 149 -11.63 -24.85 1.14
N GLN B 150 -10.41 -24.76 0.63
CA GLN B 150 -9.38 -25.75 0.89
C GLN B 150 -8.30 -25.13 1.78
N GLY B 151 -7.46 -24.29 1.19
CA GLY B 151 -6.42 -23.66 1.98
C GLY B 151 -5.55 -22.66 1.26
N GLU B 152 -5.58 -22.64 -0.06
CA GLU B 152 -4.77 -21.69 -0.81
C GLU B 152 -5.13 -20.23 -0.52
N THR B 153 -4.12 -19.38 -0.43
CA THR B 153 -4.34 -17.96 -0.20
C THR B 153 -4.86 -17.29 -1.48
N VAL B 154 -6.03 -16.69 -1.39
CA VAL B 154 -6.66 -15.99 -2.51
C VAL B 154 -6.19 -14.54 -2.54
N ALA B 155 -6.08 -13.96 -1.36
CA ALA B 155 -5.67 -12.59 -1.22
C ALA B 155 -5.07 -12.37 0.14
N MSE B 156 -4.24 -11.34 0.22
CA MSE B 156 -3.58 -10.94 1.45
C MSE B 156 -3.62 -9.43 1.42
O MSE B 156 -3.46 -8.81 0.35
CB MSE B 156 -2.15 -11.45 1.44
CG MSE B 156 -1.43 -11.32 2.77
SE MSE B 156 -0.33 -9.70 2.92
CE MSE B 156 -0.46 -9.49 4.84
N GLY B 157 -3.87 -8.82 2.57
CA GLY B 157 -3.94 -7.38 2.66
C GLY B 157 -3.90 -6.86 4.08
N THR B 158 -3.73 -5.54 4.19
CA THR B 158 -3.68 -4.83 5.45
C THR B 158 -4.53 -3.59 5.22
N GLY B 159 -4.83 -2.84 6.28
CA GLY B 159 -5.62 -1.63 6.12
C GLY B 159 -5.59 -0.78 7.39
N SER B 160 -6.17 0.41 7.32
CA SER B 160 -6.21 1.27 8.51
C SER B 160 -7.63 1.72 8.78
N PHE B 161 -7.98 1.77 10.05
CA PHE B 161 -9.31 2.19 10.45
C PHE B 161 -9.19 3.34 11.43
N PHE B 162 -10.22 4.15 11.49
CA PHE B 162 -10.25 5.30 12.37
C PHE B 162 -11.46 5.17 13.24
N VAL B 163 -11.35 5.61 14.49
CA VAL B 163 -12.47 5.54 15.39
C VAL B 163 -13.42 6.69 15.02
N LEU B 164 -14.52 6.33 14.38
CA LEU B 164 -15.56 7.27 13.97
C LEU B 164 -15.86 8.35 15.03
N ARG B 165 -16.07 9.58 14.56
CA ARG B 165 -16.33 10.72 15.43
C ARG B 165 -17.43 11.66 14.91
N SER B 166 -18.38 11.12 14.15
CA SER B 166 -19.46 11.94 13.57
C SER B 166 -19.66 13.35 14.19
N ARG B 167 -19.51 14.36 13.35
CA ARG B 167 -19.66 15.77 13.71
C ARG B 167 -20.91 16.04 14.51
N ILE C 10 40.73 9.69 15.33
CA ILE C 10 41.81 9.11 14.47
C ILE C 10 41.27 8.86 13.05
N VAL C 11 40.12 9.45 12.75
CA VAL C 11 39.50 9.27 11.44
C VAL C 11 40.49 9.52 10.30
N ASP C 12 41.31 10.56 10.43
CA ASP C 12 42.30 10.87 9.40
C ASP C 12 43.20 9.69 9.08
N LYS C 13 43.54 8.91 10.10
CA LYS C 13 44.36 7.74 9.93
C LYS C 13 43.57 6.82 9.00
N MSE C 14 42.29 6.64 9.32
CA MSE C 14 41.42 5.79 8.52
C MSE C 14 41.18 6.36 7.12
O MSE C 14 41.08 5.60 6.15
CB MSE C 14 40.06 5.61 9.21
CG MSE C 14 40.13 4.97 10.58
SE MSE C 14 38.39 4.68 11.39
CE MSE C 14 38.22 6.33 12.38
N GLU C 15 41.09 7.68 6.98
CA GLU C 15 40.84 8.24 5.65
C GLU C 15 41.97 8.01 4.64
N ARG C 16 42.72 6.93 4.83
CA ARG C 16 43.80 6.55 3.90
C ARG C 16 43.14 5.55 2.94
N PHE C 17 41.82 5.51 3.03
CA PHE C 17 40.96 4.69 2.19
C PHE C 17 41.26 5.15 0.75
N LEU C 18 42.09 6.18 0.68
CA LEU C 18 42.52 6.80 -0.57
C LEU C 18 43.74 6.07 -1.13
N SER C 19 44.56 5.54 -0.24
CA SER C 19 45.77 4.81 -0.62
C SER C 19 45.46 3.75 -1.66
N THR C 20 44.19 3.38 -1.75
CA THR C 20 43.79 2.35 -2.70
C THR C 20 42.61 2.83 -3.54
N ALA C 21 41.81 3.71 -2.96
CA ALA C 21 40.62 4.24 -3.61
C ALA C 21 40.73 4.49 -5.11
N ASN C 22 39.75 4.00 -5.85
CA ASN C 22 39.69 4.19 -7.29
C ASN C 22 38.97 5.52 -7.45
N GLU C 23 38.65 5.89 -8.68
CA GLU C 23 37.99 7.17 -8.87
C GLU C 23 36.72 7.39 -8.07
N GLU C 24 35.67 6.63 -8.34
CA GLU C 24 34.42 6.81 -7.60
C GLU C 24 34.62 6.72 -6.08
N GLU C 25 35.60 5.92 -5.63
CA GLU C 25 35.87 5.79 -4.20
C GLU C 25 36.23 7.17 -3.66
N LYS C 26 37.01 7.92 -4.43
CA LYS C 26 37.41 9.25 -4.00
C LYS C 26 36.29 10.26 -4.22
N ASP C 27 35.54 10.08 -5.28
CA ASP C 27 34.45 11.01 -5.59
C ASP C 27 33.23 10.85 -4.69
N VAL C 28 33.05 9.65 -4.15
CA VAL C 28 31.94 9.37 -3.25
C VAL C 28 32.27 9.95 -1.90
N LEU C 29 33.53 9.79 -1.50
CA LEU C 29 33.99 10.31 -0.23
C LEU C 29 33.97 11.84 -0.25
N SER C 30 34.32 12.41 -1.39
CA SER C 30 34.33 13.86 -1.53
C SER C 30 32.94 14.41 -1.32
N SER C 31 31.97 13.84 -2.02
CA SER C 31 30.59 14.30 -1.88
C SER C 31 30.06 14.12 -0.48
N ILE C 32 30.46 13.04 0.18
CA ILE C 32 29.99 12.80 1.54
C ILE C 32 30.46 13.92 2.46
N VAL C 33 31.75 14.26 2.38
CA VAL C 33 32.28 15.33 3.21
C VAL C 33 31.70 16.69 2.82
N ASP C 34 31.31 16.85 1.56
CA ASP C 34 30.72 18.10 1.15
C ASP C 34 29.44 18.23 1.95
N GLY C 35 28.51 17.31 1.72
CA GLY C 35 27.24 17.33 2.43
C GLY C 35 27.36 17.58 3.92
N LEU C 36 28.27 16.89 4.60
CA LEU C 36 28.44 17.06 6.05
C LEU C 36 28.73 18.51 6.38
N LEU C 37 29.74 19.07 5.70
CA LEU C 37 30.11 20.46 5.92
C LEU C 37 28.81 21.27 5.83
N ALA C 38 28.06 21.04 4.75
CA ALA C 38 26.80 21.72 4.54
C ALA C 38 25.86 21.45 5.71
N LYS C 39 25.85 20.22 6.20
CA LYS C 39 24.99 19.89 7.35
C LYS C 39 25.32 20.82 8.50
N GLN C 40 26.60 21.19 8.63
CA GLN C 40 27.03 22.10 9.68
C GLN C 40 26.48 23.49 9.37
N GLU C 41 26.62 23.93 8.13
CA GLU C 41 26.11 25.22 7.71
C GLU C 41 24.59 25.14 7.70
N ARG C 42 24.07 24.23 8.54
CA ARG C 42 22.64 23.97 8.70
C ARG C 42 21.85 23.94 7.40
N ARG C 43 22.50 23.50 6.33
CA ARG C 43 21.84 23.43 5.03
C ARG C 43 20.79 22.33 5.04
N TYR C 44 20.98 21.32 5.90
CA TYR C 44 20.07 20.20 6.00
C TYR C 44 19.69 19.96 7.47
N ALA C 45 18.76 19.03 7.69
CA ALA C 45 18.31 18.70 9.04
C ALA C 45 18.93 17.41 9.55
N THR C 46 19.13 16.45 8.63
CA THR C 46 19.70 15.15 8.99
C THR C 46 20.90 14.81 8.12
N TYR C 47 21.68 13.81 8.54
CA TYR C 47 22.81 13.40 7.74
C TYR C 47 22.26 12.71 6.50
N LEU C 48 21.11 12.07 6.66
CA LEU C 48 20.48 11.37 5.55
C LEU C 48 20.37 12.32 4.36
N ALA C 49 19.86 13.52 4.63
CA ALA C 49 19.70 14.55 3.61
C ALA C 49 21.07 15.04 3.11
N SER C 50 22.04 15.05 4.01
CA SER C 50 23.39 15.50 3.69
C SER C 50 23.99 14.66 2.59
N LEU C 51 24.27 13.40 2.91
CA LEU C 51 24.89 12.49 1.99
C LEU C 51 24.09 12.24 0.72
N THR C 52 22.76 12.27 0.83
CA THR C 52 21.94 12.03 -0.35
C THR C 52 22.02 13.22 -1.31
N GLN C 53 22.05 14.44 -0.75
CA GLN C 53 22.13 15.68 -1.51
C GLN C 53 20.80 16.14 -2.11
N ILE C 54 19.69 15.85 -1.41
CA ILE C 54 18.37 16.24 -1.91
C ILE C 54 18.19 17.75 -1.85
N GLU C 55 17.59 18.31 -2.90
CA GLU C 55 17.36 19.75 -2.96
C GLU C 55 15.91 19.99 -3.33
N SER C 56 15.25 20.91 -2.63
CA SER C 56 13.85 21.22 -2.92
C SER C 56 13.62 22.65 -3.40
N ASP C 61 1.36 24.52 -8.38
CA ASP C 61 2.67 24.15 -7.85
C ASP C 61 3.76 25.15 -8.27
N GLY C 62 4.95 24.63 -8.56
CA GLY C 62 6.04 25.49 -8.97
C GLY C 62 7.22 25.45 -8.02
N ARG C 63 7.01 24.93 -6.81
CA ARG C 63 8.08 24.87 -5.83
C ARG C 63 8.29 23.49 -5.18
N PHE C 64 7.22 22.73 -5.00
CA PHE C 64 7.37 21.43 -4.34
C PHE C 64 7.65 20.17 -5.12
N GLU C 65 8.94 19.86 -5.22
CA GLU C 65 9.44 18.68 -5.89
C GLU C 65 10.88 18.52 -5.43
N VAL C 66 11.19 17.39 -4.79
CA VAL C 66 12.55 17.17 -4.31
C VAL C 66 13.33 16.48 -5.41
N ARG C 67 14.63 16.70 -5.43
CA ARG C 67 15.48 16.11 -6.43
C ARG C 67 16.70 15.52 -5.78
N LEU C 68 17.05 14.31 -6.21
CA LEU C 68 18.20 13.61 -5.66
C LEU C 68 19.15 13.19 -6.78
N PRO C 69 20.44 13.56 -6.68
CA PRO C 69 21.46 13.21 -7.68
C PRO C 69 21.80 11.71 -7.64
N ILE C 70 21.56 11.03 -8.76
CA ILE C 70 21.82 9.59 -8.85
C ILE C 70 23.30 9.18 -8.93
N GLY C 71 23.98 9.14 -7.79
CA GLY C 71 25.37 8.72 -7.76
C GLY C 71 25.52 7.30 -7.23
N PRO C 72 26.75 6.82 -6.99
CA PRO C 72 26.96 5.46 -6.46
C PRO C 72 26.49 5.30 -5.02
N LEU C 73 26.41 6.40 -4.28
CA LEU C 73 25.96 6.33 -2.91
C LEU C 73 24.45 5.97 -2.82
N VAL C 74 23.77 5.94 -3.97
CA VAL C 74 22.34 5.65 -3.98
C VAL C 74 21.88 4.45 -4.82
N ASN C 75 22.79 3.89 -5.61
CA ASN C 75 22.46 2.76 -6.48
C ASN C 75 22.56 1.40 -5.80
N ASN C 76 21.99 0.38 -6.45
CA ASN C 76 22.02 -0.98 -5.92
C ASN C 76 22.98 -1.79 -6.82
N PRO C 77 23.20 -3.07 -6.49
CA PRO C 77 24.09 -3.93 -7.29
C PRO C 77 23.74 -4.07 -8.77
N LEU C 78 22.98 -3.11 -9.31
CA LEU C 78 22.59 -3.15 -10.71
C LEU C 78 22.71 -1.77 -11.36
N ASN C 79 23.31 -0.84 -10.63
CA ASN C 79 23.55 0.52 -11.11
C ASN C 79 22.33 1.44 -11.26
N MSE C 80 21.28 1.14 -10.50
CA MSE C 80 20.07 1.96 -10.53
C MSE C 80 19.73 2.32 -9.09
O MSE C 80 20.07 1.57 -8.17
CB MSE C 80 18.92 1.18 -11.16
CG MSE C 80 18.71 -0.18 -10.55
SE MSE C 80 17.26 -1.10 -11.37
CE MSE C 80 18.18 -1.81 -12.92
N VAL C 81 19.07 3.45 -8.88
CA VAL C 81 18.73 3.86 -7.52
C VAL C 81 17.99 2.74 -6.80
N HIS C 82 18.30 2.56 -5.52
CA HIS C 82 17.66 1.55 -4.72
C HIS C 82 16.22 2.02 -4.47
N GLY C 83 15.26 1.17 -4.82
CA GLY C 83 13.85 1.52 -4.61
C GLY C 83 13.63 2.04 -3.21
N GLY C 84 14.47 1.57 -2.28
CA GLY C 84 14.36 2.05 -0.92
C GLY C 84 14.52 3.56 -0.98
N ILE C 85 15.64 4.02 -1.52
CA ILE C 85 15.90 5.45 -1.64
C ILE C 85 14.84 6.17 -2.45
N THR C 86 14.34 5.54 -3.51
CA THR C 86 13.32 6.16 -4.33
C THR C 86 12.11 6.49 -3.47
N ALA C 87 11.70 5.50 -2.65
CA ALA C 87 10.55 5.67 -1.76
C ALA C 87 10.85 6.77 -0.73
N THR C 88 12.08 6.79 -0.25
CA THR C 88 12.51 7.78 0.74
C THR C 88 12.45 9.20 0.13
N LEU C 89 12.75 9.28 -1.17
CA LEU C 89 12.69 10.56 -1.86
C LEU C 89 11.22 10.96 -1.97
N LEU C 90 10.39 10.04 -2.45
CA LEU C 90 8.97 10.32 -2.59
C LEU C 90 8.40 10.76 -1.23
N ASP C 91 8.75 10.03 -0.17
CA ASP C 91 8.24 10.36 1.16
C ASP C 91 8.66 11.76 1.60
N THR C 92 9.80 12.22 1.07
CA THR C 92 10.31 13.55 1.41
C THR C 92 9.49 14.60 0.69
N ALA C 93 9.23 14.40 -0.59
CA ALA C 93 8.44 15.35 -1.36
C ALA C 93 7.08 15.55 -0.71
N MSE C 94 6.35 14.45 -0.51
CA MSE C 94 5.00 14.49 0.07
C MSE C 94 5.06 14.85 1.54
O MSE C 94 4.11 15.39 2.11
CB MSE C 94 4.33 13.14 -0.04
CG MSE C 94 4.36 12.49 -1.39
SE MSE C 94 3.52 10.76 -1.25
CE MSE C 94 4.81 9.95 -0.06
N GLY C 95 6.17 14.52 2.17
CA GLY C 95 6.33 14.80 3.59
C GLY C 95 6.46 16.27 3.92
N GLN C 96 7.33 16.98 3.21
CA GLN C 96 7.51 18.39 3.50
C GLN C 96 6.44 19.22 2.82
N MSE C 97 5.70 18.57 1.92
CA MSE C 97 4.60 19.19 1.19
C MSE C 97 3.41 19.32 2.14
O MSE C 97 2.62 20.27 2.04
CB MSE C 97 4.20 18.29 0.01
CG MSE C 97 2.74 18.38 -0.43
SE MSE C 97 2.35 19.72 -1.75
CE MSE C 97 1.93 21.21 -0.58
N VAL C 98 3.30 18.39 3.07
CA VAL C 98 2.22 18.39 4.05
C VAL C 98 2.56 19.34 5.18
N ASN C 99 3.83 19.38 5.56
CA ASN C 99 4.25 20.27 6.63
C ASN C 99 3.91 21.72 6.27
N ARG C 100 4.06 22.08 5.01
CA ARG C 100 3.76 23.44 4.58
C ARG C 100 2.30 23.80 4.80
N GLN C 101 1.40 22.86 4.52
CA GLN C 101 -0.03 23.09 4.70
C GLN C 101 -0.46 22.93 6.16
N LEU C 102 0.38 23.33 7.11
CA LEU C 102 0.02 23.17 8.53
C LEU C 102 0.44 24.31 9.45
N PRO C 103 -0.47 24.70 10.37
CA PRO C 103 -0.27 25.76 11.34
C PRO C 103 0.96 25.50 12.21
N ASP C 104 1.55 26.58 12.70
CA ASP C 104 2.76 26.51 13.52
C ASP C 104 2.65 25.51 14.68
N GLY C 105 1.44 25.31 15.19
CA GLY C 105 1.26 24.38 16.29
C GLY C 105 1.08 22.93 15.90
N GLN C 106 0.96 22.68 14.60
CA GLN C 106 0.76 21.31 14.13
C GLN C 106 1.85 20.79 13.20
N SER C 107 2.04 19.47 13.22
CA SER C 107 3.02 18.79 12.38
C SER C 107 2.40 17.47 11.90
N ALA C 108 3.19 16.70 11.17
CA ALA C 108 2.68 15.43 10.66
C ALA C 108 3.77 14.39 10.40
N VAL C 109 3.45 13.15 10.72
CA VAL C 109 4.36 12.04 10.52
C VAL C 109 3.75 11.10 9.48
N THR C 110 4.60 10.40 8.74
CA THR C 110 4.12 9.48 7.71
C THR C 110 3.44 8.29 8.39
N SER C 111 2.22 8.01 7.95
CA SER C 111 1.37 6.97 8.48
C SER C 111 1.33 5.77 7.51
N GLU C 112 0.95 6.03 6.26
CA GLU C 112 0.88 5.00 5.22
C GLU C 112 1.69 5.40 4.00
N LEU C 113 2.42 4.45 3.42
CA LEU C 113 3.16 4.73 2.23
C LEU C 113 2.99 3.63 1.22
N ASN C 114 2.40 3.98 0.07
CA ASN C 114 2.18 3.03 -1.00
C ASN C 114 2.95 3.49 -2.25
N ILE C 115 3.77 2.60 -2.80
CA ILE C 115 4.55 2.93 -3.97
C ILE C 115 4.57 1.85 -5.05
N HIS C 116 4.45 2.29 -6.30
CA HIS C 116 4.48 1.39 -7.46
C HIS C 116 5.73 1.77 -8.23
N TYR C 117 6.62 0.82 -8.42
CA TYR C 117 7.84 1.06 -9.14
C TYR C 117 7.61 0.77 -10.62
N VAL C 118 7.79 1.80 -11.44
CA VAL C 118 7.57 1.72 -12.87
C VAL C 118 8.80 1.40 -13.70
N LYS C 119 9.82 2.26 -13.65
CA LYS C 119 11.05 2.04 -14.41
C LYS C 119 12.28 2.16 -13.53
N PRO C 120 13.39 1.52 -13.93
CA PRO C 120 14.63 1.58 -13.16
C PRO C 120 15.07 3.03 -12.98
N GLY C 121 15.47 3.37 -11.76
CA GLY C 121 15.92 4.72 -11.50
C GLY C 121 17.32 4.93 -12.06
N MSE C 122 17.43 5.75 -13.12
CA MSE C 122 18.72 6.03 -13.74
C MSE C 122 18.79 7.41 -14.38
O MSE C 122 17.79 8.02 -14.74
CB MSE C 122 19.03 4.96 -14.77
CG MSE C 122 18.14 4.97 -16.01
SE MSE C 122 18.38 3.36 -17.06
CE MSE C 122 16.69 2.50 -16.69
N GLY C 123 20.02 7.90 -14.52
CA GLY C 123 20.21 9.21 -15.12
C GLY C 123 21.15 10.04 -14.29
N THR C 124 20.94 11.35 -14.31
CA THR C 124 21.77 12.25 -13.55
C THR C 124 21.10 12.73 -12.26
N TYR C 125 19.85 12.30 -12.05
CA TYR C 125 19.11 12.69 -10.86
C TYR C 125 17.69 12.15 -10.85
N LEU C 126 17.03 12.25 -9.71
CA LEU C 126 15.64 11.82 -9.57
C LEU C 126 14.83 13.04 -9.17
N ARG C 127 13.62 13.16 -9.72
CA ARG C 127 12.74 14.29 -9.42
C ARG C 127 11.36 13.79 -9.02
N ALA C 128 10.93 14.11 -7.80
CA ALA C 128 9.62 13.68 -7.36
C ALA C 128 8.72 14.88 -7.02
N VAL C 129 7.55 14.90 -7.65
CA VAL C 129 6.55 15.96 -7.48
C VAL C 129 5.40 15.38 -6.66
N ALA C 130 4.89 16.16 -5.70
CA ALA C 130 3.81 15.68 -4.83
C ALA C 130 2.62 16.63 -4.72
N SER C 131 1.45 16.08 -4.43
CA SER C 131 0.23 16.88 -4.30
C SER C 131 -0.82 16.32 -3.32
N ILE C 132 -1.33 17.18 -2.46
CA ILE C 132 -2.34 16.82 -1.47
C ILE C 132 -3.62 16.33 -2.14
N VAL C 133 -4.02 15.10 -1.82
CA VAL C 133 -5.25 14.51 -2.39
C VAL C 133 -6.42 14.80 -1.46
N HIS C 134 -6.12 15.14 -0.21
CA HIS C 134 -7.13 15.41 0.80
C HIS C 134 -6.52 16.00 2.06
N GLN C 135 -7.12 17.09 2.55
CA GLN C 135 -6.67 17.77 3.76
C GLN C 135 -7.81 17.70 4.79
N GLY C 136 -7.69 16.79 5.75
CA GLY C 136 -8.70 16.62 6.78
C GLY C 136 -8.12 16.90 8.15
N LYS C 137 -8.97 17.00 9.16
CA LYS C 137 -8.51 17.27 10.51
C LYS C 137 -7.50 16.26 11.03
N GLN C 138 -7.80 14.99 10.84
CA GLN C 138 -6.93 13.92 11.35
C GLN C 138 -5.72 13.54 10.49
N ARG C 139 -5.93 13.32 9.19
CA ARG C 139 -4.81 12.99 8.29
C ARG C 139 -4.89 13.69 6.93
N ILE C 140 -3.74 13.78 6.26
CA ILE C 140 -3.68 14.41 4.92
C ILE C 140 -3.17 13.39 3.90
N VAL C 141 -4.02 12.99 2.97
CA VAL C 141 -3.60 12.04 1.95
C VAL C 141 -2.91 12.84 0.85
N VAL C 142 -1.82 12.29 0.32
CA VAL C 142 -1.08 12.95 -0.74
C VAL C 142 -0.57 11.93 -1.78
N GLU C 143 -0.70 12.28 -3.06
CA GLU C 143 -0.21 11.42 -4.14
C GLU C 143 1.09 12.04 -4.67
N GLY C 144 1.80 11.31 -5.52
CA GLY C 144 3.05 11.83 -6.06
C GLY C 144 3.78 10.89 -7.00
N LYS C 145 4.61 11.46 -7.87
CA LYS C 145 5.36 10.67 -8.82
C LYS C 145 6.83 11.03 -8.83
N VAL C 146 7.65 10.06 -9.24
CA VAL C 146 9.10 10.22 -9.31
C VAL C 146 9.56 10.13 -10.76
N TYR C 147 10.28 11.15 -11.21
CA TYR C 147 10.74 11.18 -12.59
C TYR C 147 12.23 11.21 -12.78
N THR C 148 12.62 10.89 -14.00
CA THR C 148 14.02 10.88 -14.41
C THR C 148 14.31 12.23 -15.06
N ASP C 149 15.57 12.45 -15.43
CA ASP C 149 15.93 13.70 -16.09
C ASP C 149 15.49 13.66 -17.55
N GLN C 150 14.59 12.71 -17.84
CA GLN C 150 14.02 12.51 -19.18
C GLN C 150 12.54 12.84 -19.14
N GLY C 151 11.93 12.61 -17.98
CA GLY C 151 10.50 12.85 -17.83
C GLY C 151 9.84 11.50 -17.62
N GLU C 152 10.60 10.43 -17.80
CA GLU C 152 10.10 9.08 -17.63
C GLU C 152 9.76 8.82 -16.15
N THR C 153 8.65 8.11 -15.91
CA THR C 153 8.20 7.82 -14.56
C THR C 153 8.88 6.63 -13.93
N VAL C 154 9.61 6.87 -12.85
CA VAL C 154 10.31 5.81 -12.15
C VAL C 154 9.34 5.09 -11.20
N ALA C 155 8.48 5.87 -10.55
CA ALA C 155 7.55 5.30 -9.62
C ALA C 155 6.43 6.24 -9.27
N MSE C 156 5.25 5.67 -9.07
CA MSE C 156 4.08 6.44 -8.70
C MSE C 156 3.54 5.91 -7.38
O MSE C 156 3.44 4.69 -7.19
CB MSE C 156 3.03 6.33 -9.81
CG MSE C 156 1.74 7.10 -9.56
SE MSE C 156 0.51 6.11 -8.45
CE MSE C 156 -0.17 4.87 -9.76
N GLY C 157 3.21 6.80 -6.46
CA GLY C 157 2.69 6.35 -5.18
C GLY C 157 1.89 7.34 -4.35
N THR C 158 1.02 6.81 -3.50
CA THR C 158 0.22 7.64 -2.61
C THR C 158 0.78 7.51 -1.20
N GLY C 159 0.39 8.42 -0.31
CA GLY C 159 0.88 8.40 1.04
C GLY C 159 -0.12 9.07 2.00
N SER C 160 -0.16 8.60 3.25
CA SER C 160 -1.05 9.18 4.23
C SER C 160 -0.23 9.75 5.38
N PHE C 161 -0.58 10.96 5.78
CA PHE C 161 0.14 11.63 6.83
C PHE C 161 -0.77 11.94 8.01
N PHE C 162 -0.25 11.66 9.21
CA PHE C 162 -0.99 11.85 10.44
C PHE C 162 -0.61 13.20 11.05
N VAL C 163 -1.59 13.93 11.56
CA VAL C 163 -1.31 15.22 12.18
C VAL C 163 -1.06 15.04 13.68
N LEU C 164 -0.07 15.74 14.22
CA LEU C 164 0.25 15.64 15.62
C LEU C 164 0.16 17.00 16.31
N LYS D 13 -42.76 -19.51 -5.42
CA LYS D 13 -41.79 -18.58 -4.76
C LYS D 13 -42.43 -17.95 -3.54
N MSE D 14 -42.18 -18.54 -2.37
CA MSE D 14 -42.73 -18.03 -1.12
C MSE D 14 -42.10 -16.67 -0.81
O MSE D 14 -41.86 -16.34 0.35
CB MSE D 14 -42.42 -19.01 0.02
CG MSE D 14 -42.69 -20.48 -0.30
SE MSE D 14 -44.56 -20.97 -0.45
CE MSE D 14 -44.85 -21.63 1.34
N GLU D 15 -41.81 -15.89 -1.85
CA GLU D 15 -41.20 -14.58 -1.67
C GLU D 15 -42.21 -13.57 -1.15
N ARG D 16 -42.97 -13.98 -0.14
CA ARG D 16 -43.96 -13.13 0.49
C ARG D 16 -43.30 -12.40 1.66
N PHE D 17 -42.00 -12.18 1.52
CA PHE D 17 -41.20 -11.52 2.53
C PHE D 17 -41.67 -10.08 2.73
N ALA D 21 -42.95 -7.56 5.35
CA ALA D 21 -41.86 -6.72 4.88
C ALA D 21 -42.21 -5.23 4.96
N ASN D 22 -41.18 -4.38 5.04
CA ASN D 22 -41.38 -2.94 5.13
C ASN D 22 -41.13 -2.23 3.80
N GLU D 23 -40.87 -0.93 3.89
CA GLU D 23 -40.64 -0.10 2.72
C GLU D 23 -39.19 -0.16 2.26
N GLU D 24 -38.27 -0.28 3.22
CA GLU D 24 -36.85 -0.38 2.91
C GLU D 24 -36.70 -1.50 1.89
N GLU D 25 -37.14 -2.68 2.28
CA GLU D 25 -37.09 -3.85 1.45
C GLU D 25 -37.90 -3.67 0.16
N LYS D 26 -39.02 -2.95 0.26
CA LYS D 26 -39.86 -2.69 -0.90
C LYS D 26 -39.04 -2.10 -2.04
N ASP D 27 -38.48 -0.92 -1.81
CA ASP D 27 -37.67 -0.25 -2.82
C ASP D 27 -36.51 -1.12 -3.28
N VAL D 28 -35.70 -1.57 -2.33
CA VAL D 28 -34.56 -2.40 -2.64
C VAL D 28 -34.91 -3.48 -3.66
N LEU D 29 -35.67 -4.49 -3.24
CA LEU D 29 -36.05 -5.60 -4.13
C LEU D 29 -36.59 -5.16 -5.49
N SER D 30 -37.04 -3.91 -5.58
CA SER D 30 -37.56 -3.38 -6.84
C SER D 30 -36.40 -3.14 -7.79
N SER D 31 -35.26 -2.71 -7.25
CA SER D 31 -34.09 -2.47 -8.06
C SER D 31 -33.43 -3.82 -8.33
N ILE D 32 -33.43 -4.67 -7.32
CA ILE D 32 -32.86 -6.00 -7.42
C ILE D 32 -33.36 -6.66 -8.70
N VAL D 33 -34.68 -6.67 -8.86
CA VAL D 33 -35.32 -7.27 -10.01
C VAL D 33 -35.30 -6.35 -11.25
N ASP D 34 -35.42 -5.04 -11.02
CA ASP D 34 -35.37 -4.10 -12.14
C ASP D 34 -33.99 -4.26 -12.75
N GLY D 35 -33.05 -4.71 -11.92
CA GLY D 35 -31.68 -4.91 -12.36
C GLY D 35 -31.36 -6.30 -12.88
N LEU D 36 -31.95 -7.35 -12.30
CA LEU D 36 -31.69 -8.72 -12.74
C LEU D 36 -32.27 -8.97 -14.13
N LEU D 37 -33.39 -8.33 -14.40
CA LEU D 37 -34.06 -8.49 -15.69
C LEU D 37 -33.58 -7.44 -16.69
N ALA D 38 -32.47 -6.78 -16.36
CA ALA D 38 -31.85 -5.79 -17.22
C ALA D 38 -30.57 -6.47 -17.69
N LYS D 39 -30.32 -7.64 -17.13
CA LYS D 39 -29.16 -8.45 -17.46
C LYS D 39 -29.62 -9.47 -18.49
N GLN D 40 -30.73 -10.15 -18.21
CA GLN D 40 -31.24 -11.13 -19.15
C GLN D 40 -31.56 -10.43 -20.48
N GLU D 41 -31.90 -9.13 -20.41
CA GLU D 41 -32.18 -8.37 -21.61
C GLU D 41 -30.83 -7.89 -22.16
N ARG D 42 -29.78 -8.52 -21.62
CA ARG D 42 -28.38 -8.27 -21.99
C ARG D 42 -28.00 -6.83 -22.28
N ARG D 43 -28.24 -5.95 -21.31
CA ARG D 43 -27.90 -4.54 -21.43
C ARG D 43 -26.88 -4.26 -20.34
N TYR D 44 -26.67 -5.26 -19.50
CA TYR D 44 -25.71 -5.18 -18.41
C TYR D 44 -24.77 -6.37 -18.46
N ALA D 45 -23.47 -6.09 -18.44
CA ALA D 45 -22.46 -7.13 -18.50
C ALA D 45 -22.59 -8.14 -17.37
N THR D 46 -22.38 -7.68 -16.15
CA THR D 46 -22.47 -8.55 -14.99
C THR D 46 -23.74 -8.27 -14.17
N TYR D 47 -23.93 -9.03 -13.10
CA TYR D 47 -25.08 -8.85 -12.23
C TYR D 47 -24.88 -7.60 -11.39
N LEU D 48 -23.64 -7.37 -10.96
CA LEU D 48 -23.33 -6.20 -10.15
C LEU D 48 -23.35 -4.87 -10.91
N ALA D 49 -22.84 -4.86 -12.14
CA ALA D 49 -22.83 -3.64 -12.94
C ALA D 49 -24.27 -3.17 -13.16
N SER D 50 -25.21 -4.08 -12.90
CA SER D 50 -26.64 -3.80 -13.05
C SER D 50 -27.32 -3.67 -11.69
N LEU D 51 -27.17 -4.69 -10.86
CA LEU D 51 -27.78 -4.72 -9.55
C LEU D 51 -27.52 -3.40 -8.84
N THR D 52 -26.38 -2.77 -9.15
CA THR D 52 -26.01 -1.51 -8.54
C THR D 52 -25.91 -0.39 -9.59
N GLN D 53 -26.81 -0.48 -10.56
CA GLN D 53 -26.94 0.48 -11.67
C GLN D 53 -25.66 1.15 -12.18
N ILE D 54 -24.53 0.45 -12.06
CA ILE D 54 -23.26 0.99 -12.54
C ILE D 54 -23.37 1.60 -13.93
N GLU D 55 -23.29 2.93 -13.99
CA GLU D 55 -23.38 3.66 -15.26
C GLU D 55 -22.07 3.45 -16.02
N SER D 56 -21.70 2.20 -16.21
CA SER D 56 -20.47 1.84 -16.91
C SER D 56 -20.55 2.29 -18.36
N GLN D 57 -19.94 3.45 -18.64
CA GLN D 57 -19.92 4.01 -20.00
C GLN D 57 -19.22 5.37 -19.99
N GLU D 65 -15.85 6.59 -17.72
CA GLU D 65 -16.37 6.87 -16.39
C GLU D 65 -17.41 5.83 -15.95
N VAL D 66 -17.48 5.60 -14.65
CA VAL D 66 -18.42 4.65 -14.06
C VAL D 66 -19.17 5.30 -12.90
N ARG D 67 -20.48 5.46 -13.05
CA ARG D 67 -21.29 6.09 -12.01
C ARG D 67 -21.92 5.06 -11.08
N LEU D 68 -22.29 5.51 -9.89
CA LEU D 68 -22.93 4.64 -8.91
C LEU D 68 -24.09 5.34 -8.20
N PRO D 69 -25.33 4.90 -8.48
CA PRO D 69 -26.50 5.50 -7.85
C PRO D 69 -26.44 5.18 -6.36
N ILE D 70 -26.34 6.21 -5.53
CA ILE D 70 -26.26 5.97 -4.09
C ILE D 70 -27.60 5.62 -3.47
N GLY D 71 -27.78 4.33 -3.21
CA GLY D 71 -29.01 3.85 -2.62
C GLY D 71 -28.73 3.03 -1.38
N PRO D 72 -29.72 2.85 -0.48
CA PRO D 72 -29.57 2.06 0.74
C PRO D 72 -29.04 0.65 0.48
N LEU D 73 -29.11 0.22 -0.77
CA LEU D 73 -28.60 -1.10 -1.13
C LEU D 73 -27.07 -1.03 -1.04
N VAL D 74 -26.52 0.14 -1.30
CA VAL D 74 -25.08 0.35 -1.25
C VAL D 74 -24.60 1.15 -0.03
N ASN D 75 -25.28 0.96 1.11
CA ASN D 75 -24.92 1.63 2.36
C ASN D 75 -24.59 0.63 3.45
N ASN D 76 -23.61 0.98 4.27
CA ASN D 76 -23.22 0.14 5.40
C ASN D 76 -24.14 0.51 6.56
N PRO D 77 -23.96 -0.13 7.73
CA PRO D 77 -24.84 0.21 8.86
C PRO D 77 -24.76 1.69 9.28
N LEU D 78 -23.68 2.36 8.92
CA LEU D 78 -23.51 3.77 9.28
C LEU D 78 -24.06 4.77 8.27
N ASN D 79 -25.08 4.37 7.52
CA ASN D 79 -25.73 5.24 6.53
C ASN D 79 -24.82 5.99 5.55
N MSE D 80 -23.81 5.29 5.04
CA MSE D 80 -22.89 5.88 4.06
C MSE D 80 -22.52 4.77 3.09
O MSE D 80 -22.69 3.59 3.40
CB MSE D 80 -21.63 6.42 4.74
CG MSE D 80 -20.78 5.39 5.48
SE MSE D 80 -19.16 6.18 6.26
CE MSE D 80 -19.93 6.93 7.88
N VAL D 81 -22.05 5.15 1.90
CA VAL D 81 -21.67 4.15 0.90
C VAL D 81 -20.70 3.14 1.50
N HIS D 82 -21.03 1.86 1.34
CA HIS D 82 -20.19 0.80 1.87
C HIS D 82 -18.79 0.82 1.25
N GLY D 83 -17.78 0.55 2.08
CA GLY D 83 -16.41 0.56 1.61
C GLY D 83 -16.14 -0.41 0.49
N GLY D 84 -16.40 -1.69 0.73
CA GLY D 84 -16.18 -2.71 -0.28
C GLY D 84 -16.73 -2.22 -1.61
N ILE D 85 -17.81 -1.45 -1.54
CA ILE D 85 -18.43 -0.90 -2.73
C ILE D 85 -17.50 0.16 -3.36
N THR D 86 -17.21 1.22 -2.61
CA THR D 86 -16.35 2.26 -3.15
C THR D 86 -15.09 1.68 -3.79
N ALA D 87 -14.63 0.54 -3.28
CA ALA D 87 -13.46 -0.12 -3.84
C ALA D 87 -13.85 -0.81 -5.15
N THR D 88 -14.93 -1.58 -5.14
CA THR D 88 -15.38 -2.24 -6.37
C THR D 88 -15.58 -1.21 -7.47
N LEU D 89 -16.21 -0.09 -7.12
CA LEU D 89 -16.43 0.97 -8.09
C LEU D 89 -15.09 1.37 -8.68
N LEU D 90 -14.12 1.65 -7.81
CA LEU D 90 -12.80 2.06 -8.26
C LEU D 90 -12.15 0.92 -9.04
N ASP D 91 -12.36 -0.31 -8.58
CA ASP D 91 -11.81 -1.49 -9.21
C ASP D 91 -12.24 -1.57 -10.67
N THR D 92 -13.56 -1.52 -10.88
CA THR D 92 -14.15 -1.59 -12.20
C THR D 92 -13.62 -0.49 -13.12
N ALA D 93 -13.85 0.76 -12.77
CA ALA D 93 -13.36 1.88 -13.57
C ALA D 93 -11.94 1.59 -14.03
N MSE D 94 -11.10 1.22 -13.08
CA MSE D 94 -9.72 0.92 -13.40
C MSE D 94 -9.55 -0.24 -14.40
O MSE D 94 -8.71 -0.15 -15.32
CB MSE D 94 -8.94 0.62 -12.11
CG MSE D 94 -8.83 1.84 -11.22
SE MSE D 94 -7.57 1.57 -9.79
CE MSE D 94 -8.46 0.05 -9.00
N GLY D 95 -10.34 -1.30 -14.24
CA GLY D 95 -10.23 -2.43 -15.15
C GLY D 95 -10.54 -2.09 -16.59
N GLN D 96 -11.71 -1.49 -16.82
CA GLN D 96 -12.12 -1.09 -18.16
C GLN D 96 -10.97 -0.28 -18.73
N MSE D 97 -10.63 0.79 -18.03
CA MSE D 97 -9.54 1.69 -18.42
C MSE D 97 -8.30 0.94 -18.90
O MSE D 97 -7.50 1.48 -19.67
CB MSE D 97 -9.15 2.57 -17.23
CG MSE D 97 -8.04 3.55 -17.54
SE MSE D 97 -8.54 4.66 -19.05
CE MSE D 97 -7.06 5.92 -19.05
N VAL D 98 -8.12 -0.29 -18.44
CA VAL D 98 -6.95 -1.07 -18.81
C VAL D 98 -7.25 -2.04 -19.95
N ASN D 99 -8.53 -2.25 -20.25
CA ASN D 99 -8.88 -3.15 -21.34
C ASN D 99 -9.04 -2.33 -22.63
N ARG D 100 -9.12 -1.01 -22.48
CA ARG D 100 -9.24 -0.12 -23.62
C ARG D 100 -7.89 -0.04 -24.31
N GLN D 101 -6.84 -0.42 -23.58
CA GLN D 101 -5.48 -0.38 -24.10
C GLN D 101 -4.99 -1.79 -24.41
N LEU D 102 -5.85 -2.78 -24.15
CA LEU D 102 -5.53 -4.19 -24.37
C LEU D 102 -6.09 -4.77 -25.66
N PRO D 103 -5.51 -5.89 -26.14
CA PRO D 103 -5.94 -6.57 -27.36
C PRO D 103 -7.23 -7.37 -27.09
N ASP D 104 -7.92 -7.72 -28.18
CA ASP D 104 -9.17 -8.47 -28.11
C ASP D 104 -9.02 -9.82 -27.41
N GLY D 105 -7.84 -10.42 -27.53
CA GLY D 105 -7.59 -11.71 -26.90
C GLY D 105 -6.80 -11.61 -25.59
N GLN D 106 -6.82 -10.44 -24.97
CA GLN D 106 -6.10 -10.24 -23.71
C GLN D 106 -6.90 -9.35 -22.77
N SER D 107 -6.95 -9.76 -21.51
CA SER D 107 -7.68 -9.03 -20.49
C SER D 107 -6.83 -8.73 -19.26
N ALA D 108 -7.19 -7.67 -18.53
CA ALA D 108 -6.45 -7.27 -17.34
C ALA D 108 -7.11 -7.80 -16.07
N VAL D 109 -6.31 -8.40 -15.20
CA VAL D 109 -6.82 -8.93 -13.93
C VAL D 109 -6.14 -8.20 -12.77
N THR D 110 -6.94 -7.64 -11.86
CA THR D 110 -6.42 -6.92 -10.71
C THR D 110 -5.40 -7.83 -9.99
N SER D 111 -4.31 -7.22 -9.54
CA SER D 111 -3.23 -7.91 -8.86
C SER D 111 -3.13 -7.26 -7.47
N GLU D 112 -3.07 -5.93 -7.47
CA GLU D 112 -2.98 -5.13 -6.25
C GLU D 112 -3.99 -3.97 -6.29
N LEU D 113 -4.49 -3.56 -5.12
CA LEU D 113 -5.48 -2.49 -5.02
C LEU D 113 -5.26 -1.66 -3.77
N ASN D 114 -4.66 -0.48 -3.94
CA ASN D 114 -4.42 0.45 -2.84
C ASN D 114 -5.60 1.43 -2.90
N ILE D 115 -6.28 1.65 -1.77
CA ILE D 115 -7.45 2.55 -1.73
C ILE D 115 -7.48 3.38 -0.47
N HIS D 116 -7.50 4.71 -0.62
CA HIS D 116 -7.57 5.65 0.50
C HIS D 116 -9.00 6.18 0.57
N TYR D 117 -9.65 6.01 1.71
CA TYR D 117 -11.01 6.53 1.85
C TYR D 117 -10.84 7.88 2.50
N VAL D 118 -11.30 8.90 1.80
CA VAL D 118 -11.15 10.26 2.27
C VAL D 118 -12.38 10.89 2.91
N LYS D 119 -13.55 10.65 2.31
CA LYS D 119 -14.81 11.18 2.83
C LYS D 119 -15.88 10.12 2.60
N PRO D 120 -16.86 10.03 3.52
CA PRO D 120 -17.93 9.04 3.38
C PRO D 120 -18.62 9.11 2.03
N GLY D 121 -19.10 7.96 1.57
CA GLY D 121 -19.81 7.94 0.31
C GLY D 121 -21.21 8.43 0.59
N MSE D 122 -21.45 9.71 0.36
CA MSE D 122 -22.78 10.30 0.62
C MSE D 122 -23.22 11.30 -0.46
O MSE D 122 -22.43 12.08 -0.98
CB MSE D 122 -22.81 10.98 1.99
CG MSE D 122 -22.67 10.00 3.16
SE MSE D 122 -23.17 10.76 4.84
CE MSE D 122 -25.09 10.72 4.64
N GLY D 123 -24.51 11.25 -0.76
CA GLY D 123 -25.07 12.12 -1.76
C GLY D 123 -25.94 11.30 -2.69
N THR D 124 -26.17 11.82 -3.89
CA THR D 124 -27.00 11.14 -4.87
C THR D 124 -26.30 10.00 -5.61
N TYR D 125 -25.01 10.20 -5.88
CA TYR D 125 -24.21 9.20 -6.58
C TYR D 125 -22.70 9.30 -6.32
N LEU D 126 -21.96 8.38 -6.94
CA LEU D 126 -20.51 8.31 -6.85
C LEU D 126 -19.92 8.25 -8.26
N ARG D 127 -18.85 9.01 -8.50
CA ARG D 127 -18.20 9.05 -9.81
C ARG D 127 -16.72 8.62 -9.71
N ALA D 128 -16.33 7.60 -10.47
CA ALA D 128 -14.95 7.11 -10.45
C ALA D 128 -14.23 7.25 -11.79
N VAL D 129 -13.19 8.09 -11.83
CA VAL D 129 -12.41 8.29 -13.05
C VAL D 129 -11.06 7.64 -12.86
N ALA D 130 -10.64 6.84 -13.84
CA ALA D 130 -9.36 6.15 -13.76
C ALA D 130 -8.48 6.40 -14.98
N SER D 131 -7.18 6.50 -14.77
CA SER D 131 -6.25 6.72 -15.87
C SER D 131 -4.97 5.94 -15.66
N ILE D 132 -4.49 5.34 -16.73
CA ILE D 132 -3.28 4.54 -16.69
C ILE D 132 -2.02 5.34 -16.34
N VAL D 133 -1.24 4.83 -15.41
CA VAL D 133 -0.01 5.49 -14.99
C VAL D 133 1.20 4.93 -15.75
N HIS D 134 1.11 3.67 -16.15
CA HIS D 134 2.20 3.02 -16.86
C HIS D 134 1.76 1.69 -17.44
N GLN D 135 2.08 1.48 -18.71
CA GLN D 135 1.71 0.25 -19.38
C GLN D 135 2.90 -0.59 -19.83
N GLY D 136 3.00 -1.81 -19.28
CA GLY D 136 4.07 -2.72 -19.62
C GLY D 136 3.49 -4.00 -20.19
N LYS D 137 4.33 -4.83 -20.81
CA LYS D 137 3.88 -6.08 -21.44
C LYS D 137 3.16 -7.06 -20.50
N GLN D 138 3.55 -7.07 -19.24
CA GLN D 138 2.94 -7.96 -18.26
C GLN D 138 2.13 -7.18 -17.22
N ARG D 139 2.61 -6.00 -16.86
CA ARG D 139 1.93 -5.19 -15.84
C ARG D 139 1.59 -3.75 -16.24
N ILE D 140 0.42 -3.29 -15.81
CA ILE D 140 -0.06 -1.93 -16.11
C ILE D 140 -0.37 -1.26 -14.77
N VAL D 141 0.02 -0.01 -14.62
CA VAL D 141 -0.27 0.67 -13.37
C VAL D 141 -1.33 1.71 -13.59
N VAL D 142 -2.32 1.72 -12.71
CA VAL D 142 -3.43 2.64 -12.85
C VAL D 142 -3.83 3.28 -11.53
N GLU D 143 -4.38 4.49 -11.63
CA GLU D 143 -4.81 5.22 -10.46
C GLU D 143 -6.13 5.86 -10.84
N GLY D 144 -6.89 6.29 -9.84
CA GLY D 144 -8.17 6.91 -10.11
C GLY D 144 -8.83 7.32 -8.82
N LYS D 145 -9.87 8.14 -8.92
CA LYS D 145 -10.57 8.60 -7.74
C LYS D 145 -12.06 8.33 -7.87
N VAL D 146 -12.79 8.64 -6.80
CA VAL D 146 -14.24 8.48 -6.77
C VAL D 146 -14.76 9.81 -6.25
N TYR D 147 -15.92 10.25 -6.73
CA TYR D 147 -16.46 11.52 -6.28
C TYR D 147 -17.96 11.49 -6.00
N THR D 148 -18.41 12.48 -5.23
CA THR D 148 -19.82 12.65 -4.88
C THR D 148 -20.38 13.69 -5.86
N ASP D 149 -21.70 13.73 -5.99
CA ASP D 149 -22.35 14.69 -6.89
C ASP D 149 -21.90 16.14 -6.72
N GLN D 150 -21.82 16.62 -5.48
CA GLN D 150 -21.40 18.00 -5.24
C GLN D 150 -19.89 18.21 -5.42
N GLY D 151 -19.31 17.48 -6.37
CA GLY D 151 -17.89 17.60 -6.68
C GLY D 151 -16.85 17.21 -5.63
N GLU D 152 -17.30 16.57 -4.54
CA GLU D 152 -16.38 16.17 -3.47
C GLU D 152 -15.67 14.84 -3.76
N THR D 153 -14.40 14.76 -3.37
CA THR D 153 -13.59 13.57 -3.58
C THR D 153 -13.75 12.55 -2.45
N VAL D 154 -14.29 11.39 -2.79
CA VAL D 154 -14.52 10.33 -1.81
C VAL D 154 -13.30 9.47 -1.55
N ALA D 155 -12.96 8.60 -2.49
CA ALA D 155 -11.80 7.71 -2.34
C ALA D 155 -10.70 8.03 -3.36
N MSE D 156 -9.54 7.41 -3.20
CA MSE D 156 -8.42 7.63 -4.12
C MSE D 156 -7.42 6.50 -3.94
O MSE D 156 -6.93 6.27 -2.83
CB MSE D 156 -7.73 8.95 -3.82
CG MSE D 156 -6.76 9.43 -4.91
SE MSE D 156 -4.98 8.67 -4.91
CE MSE D 156 -5.07 7.70 -6.58
N GLY D 157 -7.12 5.80 -5.03
CA GLY D 157 -6.18 4.70 -4.93
C GLY D 157 -5.43 4.34 -6.19
N THR D 158 -4.60 3.31 -6.06
CA THR D 158 -3.79 2.83 -7.16
C THR D 158 -4.00 1.36 -7.34
N GLY D 159 -3.68 0.87 -8.53
CA GLY D 159 -3.84 -0.53 -8.80
C GLY D 159 -2.81 -1.02 -9.79
N SER D 160 -2.55 -2.32 -9.74
CA SER D 160 -1.63 -2.96 -10.67
C SER D 160 -2.42 -4.08 -11.30
N PHE D 161 -2.34 -4.19 -12.64
CA PHE D 161 -3.06 -5.24 -13.36
C PHE D 161 -2.12 -6.01 -14.26
N PHE D 162 -2.24 -7.34 -14.19
CA PHE D 162 -1.43 -8.22 -15.01
C PHE D 162 -2.25 -8.68 -16.18
N VAL D 163 -1.62 -8.84 -17.34
CA VAL D 163 -2.32 -9.27 -18.55
C VAL D 163 -2.41 -10.79 -18.60
N LEU D 164 -3.38 -11.30 -19.35
CA LEU D 164 -3.56 -12.75 -19.51
C LEU D 164 -4.23 -13.10 -20.84
S SO4 E . -2.27 6.39 16.66
O1 SO4 E . -1.48 7.50 16.10
O2 SO4 E . -3.70 6.60 16.37
O3 SO4 E . -1.82 5.12 16.04
O4 SO4 E . -2.07 6.32 18.12
N1A COA F . -18.92 10.34 10.71
C2A COA F . -17.82 11.07 10.59
N3A COA F . -17.72 12.03 9.68
C4A COA F . -18.75 12.28 8.84
C5A COA F . -19.91 11.53 8.93
C6A COA F . -19.98 10.53 9.91
N6A COA F . -21.08 9.80 10.04
N7A COA F . -20.75 11.97 8.02
C8A COA F . -20.15 12.97 7.36
N9A COA F . -18.93 13.16 7.86
C1B COA F . -17.97 14.19 7.43
C2B COA F . -17.43 15.04 8.58
O2B COA F . -18.45 15.94 9.04
C3B COA F . -16.34 15.78 7.81
O3B COA F . -16.93 16.75 6.95
P3B COA F . -16.06 18.02 6.47
O7A COA F . -15.23 17.71 5.28
O8A COA F . -17.10 19.22 6.19
O9A COA F . -15.18 18.44 7.75
C4B COA F . -15.72 14.62 7.00
O4B COA F . -16.78 13.65 6.83
C5B COA F . -14.63 13.95 7.83
O5B COA F . -13.50 14.81 7.99
P1A COA F . -12.24 14.35 8.88
O1A COA F . -12.71 13.94 10.22
O2A COA F . -11.21 15.41 8.78
O3A COA F . -11.72 13.04 8.09
P2A COA F . -10.20 12.55 8.22
O4A COA F . -9.73 12.20 6.86
O5A COA F . -9.44 13.55 8.99
O6A COA F . -10.33 11.21 9.10
CBP COA F . -11.45 9.29 8.05
CCP COA F . -10.14 9.91 8.53
CDP COA F . -12.48 9.35 9.19
CEP COA F . -11.22 7.83 7.65
CAP COA F . -12.01 10.06 6.85
OAP COA F . -11.05 10.06 5.79
C9P COA F . -13.31 9.40 6.37
O9P COA F . -14.40 9.76 6.80
N8P COA F . -13.15 8.43 5.48
C7P COA F . -14.30 7.70 4.92
C6P COA F . -14.24 6.22 5.33
C5P COA F . -15.41 5.45 4.72
O5P COA F . -16.23 6.02 4.00
N4P COA F . -15.48 4.16 5.02
C3P COA F . -16.56 3.31 4.50
C2P COA F . -16.40 1.87 4.96
S1P COA F . -16.53 1.68 6.77
S SO4 G . 5.81 17.89 -13.83
O1 SO4 G . 5.00 18.82 -14.65
O2 SO4 G . 6.74 18.66 -12.98
O3 SO4 G . 4.92 17.07 -12.98
O4 SO4 G . 6.59 17.01 -14.73
#